data_7MXI
#
_entry.id   7MXI
#
_cell.length_a   51.908
_cell.length_b   137.793
_cell.length_c   88.250
_cell.angle_alpha   90.000
_cell.angle_beta   105.680
_cell.angle_gamma   90.000
#
_symmetry.space_group_name_H-M   'P 1 21 1'
#
loop_
_entity.id
_entity.type
_entity.pdbx_description
1 polymer 'IgE Fc'
2 polymer 'DARPin E3_53'
3 polymer 'Anti-IgE Inhibitor E2_79'
4 branched beta-D-mannopyranose-(1-4)-2-acetamido-2-deoxy-beta-D-glucopyranose-(1-4)-2-acetamido-2-deoxy-beta-D-glucopyranose
5 branched 2-acetamido-2-deoxy-beta-D-glucopyranose-(1-4)-[alpha-L-fucopyranose-(1-6)]2-acetamido-2-deoxy-beta-D-glucopyranose
#
loop_
_entity_poly.entity_id
_entity_poly.type
_entity_poly.pdbx_seq_one_letter_code
_entity_poly.pdbx_strand_id
1 'polypeptide(L)'
;APMAEGGGQNHHHHHHHHGGENLYFQGGSCADSNPRGVSAYLSRPSPFDLFIRKSPTITCLVVDLAPSKGTVNLTWSRAS
GKPVNHSTRKEEKQRNGTLTVTSTLPVGTRDWIEGETYQCRVTHPHLPRALMRSTTKTSGPRAAPEVYAFATPEWPGSRD
KRTLACLIQNFMPEDISVQWLHNEVQLPDARHSTTQPRKTKGSGFFVFSRLEVTRAEWEQKDEFICRAVHEAASPSQTVQ
RAVSVNP
;
A,B
2 'polypeptide(L)'
;MRGSHHHHHHGSDDDDKSSDLGKKLLEAARAGQDDEVRILMANGADVNAIDHNGTTPLHLAAYAGHLEIVEVLLKHGADV
NARDLRGFTPLHLAAIDGHLEIVEVLLKYGADVNADDDYGTTPLHLAAQYGHMEIVEVLLKYGADVNAQDKFGKTAFDIS
IDNGNEDLAEILQ
;
C,D
3 'polypeptide(L)'
;MRGSHHHHHHGSDDDDKSSDLGKKLLEAARAGQDDEVRILTANGADVNANDYWGHTPLHLAAMLGHLEIVEVLLKNGADV
NATGNTGRTPLHLAAWADHLEIVEVLLKHGADVNAQDKFGKTAFDISIDNGNEDLAEILQKLN
;
E,F
#
# COMPACT_ATOMS: atom_id res chain seq x y z
N GLY A 37 -4.70 20.65 -14.77
CA GLY A 37 -4.26 19.27 -14.65
C GLY A 37 -2.79 19.12 -14.31
N VAL A 38 -2.29 20.03 -13.47
CA VAL A 38 -0.90 20.03 -13.02
C VAL A 38 -0.87 19.67 -11.54
N SER A 39 0.05 18.79 -11.17
CA SER A 39 0.26 18.40 -9.78
C SER A 39 1.71 18.64 -9.38
N ALA A 40 1.92 18.92 -8.10
CA ALA A 40 3.25 19.11 -7.56
C ALA A 40 3.38 18.39 -6.23
N TYR A 41 4.55 17.83 -5.96
CA TYR A 41 4.81 17.11 -4.72
C TYR A 41 6.20 17.47 -4.21
N LEU A 42 6.32 17.57 -2.88
CA LEU A 42 7.59 17.81 -2.21
C LEU A 42 7.78 16.75 -1.14
N SER A 43 8.95 16.13 -1.14
CA SER A 43 9.24 14.99 -0.27
C SER A 43 10.33 15.34 0.74
N ARG A 44 10.27 14.70 1.89
CA ARG A 44 11.38 14.71 2.83
C ARG A 44 12.52 13.87 2.27
N PRO A 45 13.76 14.10 2.73
CA PRO A 45 14.87 13.23 2.30
C PRO A 45 14.61 11.80 2.74
N SER A 46 15.13 10.86 1.95
CA SER A 46 15.07 9.48 2.39
C SER A 46 16.06 9.27 3.53
N PRO A 47 15.72 8.43 4.51
CA PRO A 47 16.70 8.11 5.56
C PRO A 47 18.02 7.61 5.01
N PHE A 48 17.99 6.89 3.90
CA PHE A 48 19.24 6.41 3.27
C PHE A 48 20.11 7.58 2.82
N ASP A 49 19.51 8.56 2.14
CA ASP A 49 20.29 9.71 1.69
C ASP A 49 20.83 10.51 2.87
N LEU A 50 20.09 10.55 3.98
CA LEU A 50 20.44 11.43 5.09
C LEU A 50 21.48 10.78 6.01
N PHE A 51 21.37 9.48 6.26
CA PHE A 51 22.24 8.80 7.21
C PHE A 51 23.35 8.00 6.55
N ILE A 52 23.06 7.35 5.43
CA ILE A 52 24.03 6.49 4.77
C ILE A 52 24.88 7.29 3.80
N ARG A 53 24.23 7.92 2.81
CA ARG A 53 24.94 8.75 1.86
C ARG A 53 25.49 10.03 2.50
N LYS A 54 24.95 10.42 3.66
CA LYS A 54 25.35 11.64 4.37
C LYS A 54 25.16 12.89 3.52
N SER A 55 24.22 12.82 2.58
CA SER A 55 24.00 13.91 1.62
C SER A 55 22.51 14.04 1.36
N PRO A 56 21.76 14.63 2.30
CA PRO A 56 20.30 14.69 2.16
C PRO A 56 19.88 15.67 1.08
N THR A 57 18.80 15.31 0.38
CA THR A 57 18.20 16.17 -0.63
C THR A 57 16.68 16.07 -0.54
N ILE A 58 16.02 17.13 -1.00
CA ILE A 58 14.57 17.13 -1.19
C ILE A 58 14.30 17.39 -2.66
N THR A 59 13.24 16.77 -3.18
CA THR A 59 12.93 16.85 -4.60
C THR A 59 11.51 17.38 -4.79
N CYS A 60 11.38 18.38 -5.65
CA CYS A 60 10.09 18.95 -6.04
C CYS A 60 9.69 18.34 -7.37
N LEU A 61 8.69 17.46 -7.34
CA LEU A 61 8.21 16.78 -8.55
C LEU A 61 6.94 17.47 -9.02
N VAL A 62 6.95 17.90 -10.28
CA VAL A 62 5.79 18.50 -10.93
C VAL A 62 5.39 17.63 -12.10
N VAL A 63 4.13 17.21 -12.14
CA VAL A 63 3.62 16.32 -13.18
C VAL A 63 2.54 17.07 -13.94
N ASP A 64 2.82 17.39 -15.20
CA ASP A 64 1.88 18.07 -16.08
C ASP A 64 1.27 17.03 -17.02
N LEU A 65 -0.05 16.84 -16.94
CA LEU A 65 -0.70 15.80 -17.75
C LEU A 65 -0.85 16.20 -19.21
N ALA A 66 -1.06 17.49 -19.50
CA ALA A 66 -1.20 17.98 -20.87
C ALA A 66 -0.40 19.27 -21.01
N PRO A 67 0.82 19.22 -21.55
CA PRO A 67 1.71 20.38 -21.48
C PRO A 67 1.56 21.41 -22.58
N SER A 68 1.48 22.68 -22.19
CA SER A 68 1.55 23.80 -23.12
C SER A 68 3.01 24.16 -23.38
N LYS A 69 3.21 25.10 -24.31
CA LYS A 69 4.57 25.47 -24.69
C LYS A 69 5.28 26.30 -23.63
N GLY A 70 4.57 26.81 -22.63
CA GLY A 70 5.22 27.53 -21.56
C GLY A 70 6.12 26.64 -20.72
N THR A 71 7.12 27.24 -20.11
CA THR A 71 8.11 26.51 -19.32
C THR A 71 7.81 26.67 -17.83
N VAL A 72 7.78 25.55 -17.11
CA VAL A 72 7.57 25.60 -15.67
C VAL A 72 8.85 26.08 -14.99
N ASN A 73 8.69 26.87 -13.93
CA ASN A 73 9.80 27.34 -13.14
C ASN A 73 9.59 26.93 -11.69
N LEU A 74 10.63 26.37 -11.08
CA LEU A 74 10.59 25.92 -9.69
C LEU A 74 11.58 26.75 -8.90
N THR A 75 11.08 27.45 -7.88
CA THR A 75 11.90 28.30 -7.03
C THR A 75 11.88 27.77 -5.60
N TRP A 76 13.01 27.93 -4.92
CA TRP A 76 13.23 27.38 -3.60
C TRP A 76 13.44 28.50 -2.58
N SER A 77 12.98 28.27 -1.36
CA SER A 77 13.20 29.22 -0.28
C SER A 77 13.14 28.51 1.06
N ARG A 78 13.92 29.00 2.02
CA ARG A 78 13.93 28.51 3.39
C ARG A 78 13.15 29.46 4.29
N ALA A 79 12.56 28.90 5.34
CA ALA A 79 11.75 29.71 6.24
C ALA A 79 12.59 30.77 6.94
N SER A 80 13.82 30.43 7.31
CA SER A 80 14.69 31.40 7.97
C SER A 80 15.14 32.51 7.03
N GLY A 81 15.04 32.30 5.72
CA GLY A 81 15.57 33.25 4.76
C GLY A 81 17.02 33.07 4.42
N LYS A 82 17.73 32.20 5.14
CA LYS A 82 19.12 31.88 4.81
C LYS A 82 19.16 31.24 3.41
N PRO A 83 20.33 31.27 2.74
CA PRO A 83 20.33 31.05 1.30
C PRO A 83 20.20 29.59 0.93
N VAL A 84 19.47 29.33 -0.16
CA VAL A 84 19.40 27.98 -0.69
C VAL A 84 20.63 27.71 -1.56
N ASN A 85 20.96 26.43 -1.70
CA ASN A 85 22.07 26.03 -2.55
C ASN A 85 21.59 25.99 -4.00
N HIS A 86 22.42 25.45 -4.88
CA HIS A 86 22.10 25.36 -6.30
C HIS A 86 21.39 24.02 -6.56
N SER A 87 20.17 24.10 -7.07
CA SER A 87 19.38 22.91 -7.30
C SER A 87 19.72 22.28 -8.66
N THR A 88 19.24 21.07 -8.86
CA THR A 88 19.41 20.37 -10.11
C THR A 88 18.02 20.12 -10.69
N ARG A 89 17.86 20.33 -11.99
CA ARG A 89 16.54 20.25 -12.61
C ARG A 89 16.54 19.16 -13.67
N LYS A 90 15.50 18.31 -13.62
CA LYS A 90 15.33 17.26 -14.62
C LYS A 90 13.93 17.33 -15.23
N GLU A 91 13.87 16.86 -16.48
CA GLU A 91 12.79 16.98 -17.45
C GLU A 91 12.69 15.80 -18.38
N GLU A 92 11.50 15.23 -18.44
CA GLU A 92 11.21 14.03 -19.20
C GLU A 92 9.75 14.05 -19.62
N LYS A 93 9.51 13.84 -20.90
CA LYS A 93 8.16 13.68 -21.45
C LYS A 93 7.88 12.19 -21.61
N GLN A 94 6.85 11.70 -20.93
CA GLN A 94 6.55 10.29 -20.91
C GLN A 94 5.78 9.86 -22.16
N ARG A 95 5.49 8.56 -22.23
CA ARG A 95 4.81 8.01 -23.40
C ARG A 95 3.36 8.45 -23.47
N ASN A 96 2.69 8.61 -22.31
CA ASN A 96 1.32 9.10 -22.38
C ASN A 96 1.24 10.60 -22.66
N GLY A 97 2.36 11.24 -22.99
CA GLY A 97 2.36 12.62 -23.41
C GLY A 97 2.50 13.64 -22.30
N THR A 98 2.66 13.20 -21.06
CA THR A 98 2.76 14.09 -19.92
C THR A 98 4.21 14.49 -19.70
N LEU A 99 4.40 15.61 -19.00
CA LEU A 99 5.71 16.12 -18.68
C LEU A 99 5.95 16.05 -17.18
N THR A 100 7.07 15.48 -16.78
CA THR A 100 7.51 15.45 -15.39
C THR A 100 8.77 16.28 -15.25
N VAL A 101 8.68 17.33 -14.42
CA VAL A 101 9.82 18.18 -14.10
C VAL A 101 10.13 17.99 -12.63
N THR A 102 11.40 17.76 -12.30
CA THR A 102 11.83 17.62 -10.91
C THR A 102 12.97 18.58 -10.63
N SER A 103 13.00 19.11 -9.41
CA SER A 103 14.10 19.92 -8.92
C SER A 103 14.57 19.33 -7.59
N THR A 104 15.86 19.03 -7.51
CA THR A 104 16.45 18.41 -6.33
C THR A 104 17.35 19.44 -5.65
N LEU A 105 17.02 19.77 -4.39
CA LEU A 105 17.75 20.79 -3.65
C LEU A 105 18.54 20.12 -2.53
N PRO A 106 19.87 20.27 -2.52
CA PRO A 106 20.65 19.79 -1.37
C PRO A 106 20.28 20.56 -0.11
N VAL A 107 20.09 19.82 0.99
CA VAL A 107 19.82 20.42 2.29
C VAL A 107 20.96 20.07 3.23
N GLY A 108 21.06 20.84 4.31
CA GLY A 108 22.06 20.58 5.33
C GLY A 108 21.53 19.59 6.35
N THR A 109 22.36 18.62 6.71
CA THR A 109 21.97 17.66 7.73
C THR A 109 21.61 18.37 9.03
N ARG A 110 22.44 19.33 9.44
CA ARG A 110 22.14 20.14 10.61
C ARG A 110 20.80 20.85 10.46
N ASP A 111 20.62 21.60 9.38
CA ASP A 111 19.41 22.38 9.20
C ASP A 111 18.17 21.51 9.16
N TRP A 112 18.28 20.28 8.67
CA TRP A 112 17.10 19.43 8.56
C TRP A 112 16.66 18.91 9.93
N ILE A 113 17.59 18.31 10.68
CA ILE A 113 17.24 17.74 11.98
C ILE A 113 16.89 18.81 12.99
N GLU A 114 17.36 20.04 12.78
CA GLU A 114 17.01 21.16 13.66
C GLU A 114 15.74 21.87 13.22
N GLY A 115 15.09 21.41 12.15
CA GLY A 115 13.72 21.77 11.88
C GLY A 115 13.48 22.82 10.81
N GLU A 116 14.45 23.12 9.96
CA GLU A 116 14.25 24.08 8.89
C GLU A 116 13.09 23.65 8.01
N THR A 117 12.31 24.63 7.55
CA THR A 117 11.21 24.39 6.63
C THR A 117 11.59 24.93 5.26
N TYR A 118 11.34 24.13 4.22
CA TYR A 118 11.67 24.48 2.85
C TYR A 118 10.39 24.46 2.03
N GLN A 119 10.21 25.48 1.17
CA GLN A 119 9.07 25.53 0.29
C GLN A 119 9.53 25.54 -1.16
N CYS A 120 8.69 24.99 -2.04
CA CYS A 120 8.92 24.95 -3.46
C CYS A 120 7.73 25.64 -4.14
N ARG A 121 7.97 26.79 -4.75
CA ARG A 121 6.93 27.57 -5.42
C ARG A 121 7.03 27.35 -6.92
N VAL A 122 5.94 26.89 -7.53
CA VAL A 122 5.91 26.50 -8.93
C VAL A 122 5.09 27.53 -9.70
N THR A 123 5.70 28.10 -10.74
CA THR A 123 5.04 29.07 -11.61
C THR A 123 5.10 28.60 -13.05
N HIS A 124 3.96 28.61 -13.75
CA HIS A 124 3.93 28.28 -15.20
C HIS A 124 3.05 29.33 -15.85
N PRO A 125 3.35 29.82 -17.07
CA PRO A 125 2.56 30.90 -17.65
C PRO A 125 1.08 30.58 -17.77
N HIS A 126 0.73 29.36 -18.12
CA HIS A 126 -0.68 28.99 -18.34
C HIS A 126 -1.33 28.54 -17.04
N LEU A 127 -0.63 28.68 -15.92
CA LEU A 127 -1.23 28.37 -14.61
C LEU A 127 -1.70 29.68 -13.99
N PRO A 128 -3.00 29.81 -13.66
CA PRO A 128 -3.52 31.04 -13.13
C PRO A 128 -2.91 31.43 -11.78
N ARG A 129 -2.74 30.45 -10.90
CA ARG A 129 -2.23 30.74 -9.54
C ARG A 129 -1.05 29.82 -9.26
N ALA A 130 -0.11 30.29 -8.45
CA ALA A 130 1.09 29.49 -8.14
C ALA A 130 0.77 28.37 -7.18
N LEU A 131 1.45 27.25 -7.34
CA LEU A 131 1.28 26.10 -6.42
C LEU A 131 2.52 26.03 -5.52
N MET A 132 2.34 26.02 -4.22
CA MET A 132 3.47 25.94 -3.27
C MET A 132 3.34 24.70 -2.41
N ARG A 133 4.42 23.93 -2.28
CA ARG A 133 4.44 22.75 -1.41
C ARG A 133 5.58 22.95 -0.41
N SER A 134 5.39 22.52 0.83
CA SER A 134 6.42 22.70 1.88
C SER A 134 6.85 21.36 2.48
N THR A 135 7.95 21.32 3.21
CA THR A 135 8.44 20.12 3.86
C THR A 135 9.31 20.51 5.05
N THR A 136 9.40 19.60 6.02
CA THR A 136 10.20 19.81 7.22
C THR A 136 10.34 18.47 7.93
N LYS A 137 11.21 18.45 8.96
CA LYS A 137 11.50 17.23 9.68
C LYS A 137 10.22 16.63 10.26
N THR A 138 10.25 15.30 10.46
CA THR A 138 9.11 14.59 11.00
C THR A 138 8.88 14.95 12.46
N SER A 139 7.67 14.65 12.94
CA SER A 139 7.26 14.99 14.30
C SER A 139 6.58 13.79 14.96
N GLY A 140 6.41 13.88 16.26
CA GLY A 140 5.65 12.90 17.00
C GLY A 140 6.51 11.91 17.76
N PRO A 141 5.89 10.79 18.23
CA PRO A 141 6.62 9.76 18.92
C PRO A 141 7.66 9.06 18.05
N ARG A 142 8.75 8.62 18.66
CA ARG A 142 9.88 8.02 17.92
C ARG A 142 10.09 6.59 18.40
N ALA A 143 9.99 5.64 17.48
CA ALA A 143 10.13 4.22 17.84
C ALA A 143 11.08 3.57 16.84
N ALA A 144 11.93 2.69 17.32
CA ALA A 144 12.88 1.97 16.45
C ALA A 144 12.19 0.79 15.78
N PRO A 145 12.64 0.45 14.57
CA PRO A 145 12.00 -0.65 13.83
C PRO A 145 12.42 -2.01 14.37
N GLU A 146 11.51 -2.97 14.23
CA GLU A 146 11.79 -4.38 14.45
C GLU A 146 11.80 -5.07 13.09
N VAL A 147 12.82 -5.88 12.83
CA VAL A 147 13.03 -6.49 11.52
C VAL A 147 13.01 -8.01 11.66
N TYR A 148 12.24 -8.67 10.78
CA TYR A 148 12.19 -10.12 10.68
C TYR A 148 12.19 -10.49 9.20
N ALA A 149 12.86 -11.59 8.87
CA ALA A 149 13.02 -12.02 7.49
C ALA A 149 12.71 -13.51 7.36
N PHE A 150 12.07 -13.88 6.25
CA PHE A 150 11.60 -15.24 6.05
C PHE A 150 11.91 -15.70 4.63
N ALA A 151 11.87 -17.02 4.43
CA ALA A 151 12.14 -17.64 3.15
C ALA A 151 11.04 -18.65 2.85
N THR A 152 10.52 -18.61 1.62
CA THR A 152 9.47 -19.54 1.22
C THR A 152 10.05 -20.92 0.89
N PRO A 153 9.26 -21.98 1.08
CA PRO A 153 9.77 -23.33 0.79
C PRO A 153 9.98 -23.56 -0.70
N GLU A 154 10.51 -24.73 -1.07
CA GLU A 154 10.80 -25.02 -2.46
C GLU A 154 9.54 -25.52 -3.16
N TRP A 155 8.93 -24.64 -3.94
CA TRP A 155 7.90 -25.06 -4.88
C TRP A 155 8.54 -25.93 -5.96
N PRO A 156 7.83 -26.97 -6.44
CA PRO A 156 8.42 -27.81 -7.50
C PRO A 156 8.76 -27.04 -8.76
N GLY A 157 7.90 -26.11 -9.18
CA GLY A 157 8.18 -25.31 -10.37
C GLY A 157 9.28 -24.28 -10.08
N SER A 158 9.30 -23.73 -8.87
CA SER A 158 10.32 -22.76 -8.49
C SER A 158 11.53 -23.46 -7.87
N ARG A 159 12.13 -24.33 -8.67
CA ARG A 159 13.34 -25.03 -8.21
C ARG A 159 14.54 -24.11 -8.18
N ASP A 160 14.64 -23.21 -9.16
CA ASP A 160 15.78 -22.30 -9.27
C ASP A 160 15.48 -20.89 -8.78
N LYS A 161 14.28 -20.65 -8.23
CA LYS A 161 13.91 -19.35 -7.72
C LYS A 161 13.24 -19.51 -6.36
N ARG A 162 13.51 -18.56 -5.48
CA ARG A 162 12.88 -18.52 -4.16
C ARG A 162 12.48 -17.10 -3.85
N THR A 163 11.46 -16.96 -3.00
CA THR A 163 10.99 -15.65 -2.57
C THR A 163 11.39 -15.43 -1.11
N LEU A 164 12.07 -14.31 -0.85
CA LEU A 164 12.39 -13.88 0.50
C LEU A 164 11.48 -12.73 0.89
N ALA A 165 11.01 -12.74 2.12
CA ALA A 165 10.13 -11.70 2.65
C ALA A 165 10.75 -11.05 3.86
N CYS A 166 10.43 -9.78 4.07
CA CYS A 166 10.95 -9.01 5.19
C CYS A 166 9.81 -8.24 5.83
N LEU A 167 9.70 -8.35 7.15
CA LEU A 167 8.71 -7.60 7.93
C LEU A 167 9.44 -6.57 8.78
N ILE A 168 9.07 -5.31 8.62
CA ILE A 168 9.63 -4.20 9.39
C ILE A 168 8.46 -3.51 10.07
N GLN A 169 8.38 -3.64 11.40
CA GLN A 169 7.17 -3.28 12.13
C GLN A 169 7.50 -2.37 13.30
N ASN A 170 6.46 -1.65 13.75
CA ASN A 170 6.43 -0.94 15.02
C ASN A 170 7.40 0.25 15.08
N PHE A 171 7.60 0.93 13.96
CA PHE A 171 8.50 2.07 13.93
C PHE A 171 7.71 3.38 13.78
N MET A 172 8.31 4.46 14.28
CA MET A 172 7.77 5.81 14.17
C MET A 172 8.94 6.78 14.18
N PRO A 173 8.91 7.83 13.34
CA PRO A 173 7.85 8.15 12.37
C PRO A 173 7.82 7.22 11.15
N GLU A 174 7.05 7.62 10.14
CA GLU A 174 6.75 6.73 9.02
C GLU A 174 7.88 6.63 8.00
N ASP A 175 8.84 7.55 8.02
CA ASP A 175 9.91 7.57 7.02
C ASP A 175 10.92 6.46 7.31
N ILE A 176 11.23 5.67 6.28
CA ILE A 176 12.12 4.53 6.43
C ILE A 176 12.67 4.16 5.06
N SER A 177 13.84 3.52 5.06
CA SER A 177 14.48 3.03 3.83
C SER A 177 14.83 1.56 4.01
N VAL A 178 14.55 0.76 2.99
CA VAL A 178 14.75 -0.68 3.04
C VAL A 178 15.76 -1.09 1.98
N GLN A 179 16.63 -2.03 2.33
CA GLN A 179 17.78 -2.43 1.54
C GLN A 179 17.93 -3.95 1.65
N TRP A 180 18.36 -4.58 0.57
CA TRP A 180 18.65 -6.01 0.56
C TRP A 180 20.11 -6.22 0.23
N LEU A 181 20.75 -7.17 0.93
CA LEU A 181 22.20 -7.30 0.94
C LEU A 181 22.58 -8.77 0.79
N HIS A 182 23.57 -9.03 -0.07
CA HIS A 182 24.04 -10.39 -0.29
C HIS A 182 25.50 -10.35 -0.73
N ASN A 183 26.32 -11.20 -0.12
CA ASN A 183 27.78 -11.23 -0.29
C ASN A 183 28.41 -9.85 -0.10
N GLU A 184 28.00 -9.16 0.98
CA GLU A 184 28.51 -7.82 1.25
C GLU A 184 28.32 -6.92 0.03
N VAL A 185 27.23 -7.15 -0.72
CA VAL A 185 26.93 -6.40 -1.93
C VAL A 185 25.50 -5.91 -1.82
N GLN A 186 25.29 -4.61 -2.00
CA GLN A 186 23.95 -4.07 -2.03
C GLN A 186 23.23 -4.50 -3.30
N LEU A 187 22.05 -5.08 -3.14
CA LEU A 187 21.25 -5.38 -4.30
C LEU A 187 20.56 -4.11 -4.82
N PRO A 188 20.29 -4.04 -6.12
CA PRO A 188 19.60 -2.87 -6.66
C PRO A 188 18.17 -2.77 -6.13
N ASP A 189 17.68 -1.53 -6.03
CA ASP A 189 16.34 -1.31 -5.51
C ASP A 189 15.28 -1.95 -6.40
N ALA A 190 15.59 -2.15 -7.69
CA ALA A 190 14.62 -2.72 -8.60
C ALA A 190 14.34 -4.19 -8.32
N ARG A 191 15.19 -4.85 -7.53
CA ARG A 191 15.05 -6.28 -7.31
C ARG A 191 14.03 -6.62 -6.22
N HIS A 192 13.55 -5.64 -5.47
CA HIS A 192 12.57 -5.90 -4.43
C HIS A 192 11.48 -4.84 -4.45
N SER A 193 10.29 -5.23 -3.98
CA SER A 193 9.16 -4.33 -3.86
C SER A 193 8.84 -4.15 -2.39
N THR A 194 8.71 -2.89 -1.96
CA THR A 194 8.43 -2.55 -0.57
C THR A 194 7.09 -1.84 -0.48
N THR A 195 6.22 -2.33 0.39
CA THR A 195 4.90 -1.74 0.56
C THR A 195 5.00 -0.37 1.21
N GLN A 196 3.95 0.43 1.02
CA GLN A 196 3.90 1.75 1.62
C GLN A 196 3.63 1.63 3.12
N PRO A 197 4.20 2.52 3.93
CA PRO A 197 4.03 2.43 5.39
C PRO A 197 2.56 2.55 5.80
N ARG A 198 2.12 1.61 6.63
CA ARG A 198 0.73 1.54 7.09
C ARG A 198 0.70 1.50 8.60
N LYS A 199 -0.32 2.14 9.18
CA LYS A 199 -0.46 2.19 10.63
C LYS A 199 -0.89 0.83 11.16
N THR A 200 -0.19 0.34 12.18
CA THR A 200 -0.50 -0.99 12.72
C THR A 200 -1.90 -0.95 13.36
N LYS A 201 -2.53 -2.12 13.43
CA LYS A 201 -3.70 -2.25 14.27
C LYS A 201 -3.37 -1.89 15.71
N GLY A 202 -2.14 -2.17 16.15
CA GLY A 202 -1.67 -1.78 17.47
C GLY A 202 -0.93 -0.45 17.48
N SER A 203 0.39 -0.50 17.57
CA SER A 203 1.20 0.70 17.74
C SER A 203 2.36 0.69 16.75
N GLY A 204 2.50 1.78 16.00
CA GLY A 204 3.62 1.96 15.09
C GLY A 204 3.19 1.88 13.63
N PHE A 205 4.20 1.80 12.76
CA PHE A 205 4.00 1.59 11.33
C PHE A 205 4.69 0.27 10.93
N PHE A 206 4.22 -0.30 9.83
CA PHE A 206 4.79 -1.54 9.33
C PHE A 206 4.87 -1.49 7.81
N VAL A 207 5.99 -1.99 7.26
CA VAL A 207 6.14 -2.22 5.84
C VAL A 207 6.57 -3.67 5.63
N PHE A 208 6.32 -4.17 4.43
CA PHE A 208 6.80 -5.46 4.00
C PHE A 208 7.70 -5.28 2.79
N SER A 209 8.62 -6.23 2.59
CA SER A 209 9.51 -6.22 1.44
C SER A 209 9.57 -7.61 0.84
N ARG A 210 9.36 -7.70 -0.47
CA ARG A 210 9.39 -8.95 -1.21
C ARG A 210 10.61 -8.96 -2.12
N LEU A 211 11.37 -10.06 -2.10
CA LEU A 211 12.58 -10.18 -2.91
C LEU A 211 12.73 -11.61 -3.41
N GLU A 212 12.81 -11.76 -4.73
CA GLU A 212 13.11 -13.05 -5.34
C GLU A 212 14.62 -13.23 -5.48
N VAL A 213 15.07 -14.46 -5.26
CA VAL A 213 16.49 -14.81 -5.36
C VAL A 213 16.63 -16.08 -6.18
N THR A 214 17.79 -16.24 -6.80
CA THR A 214 18.07 -17.36 -7.70
C THR A 214 18.89 -18.43 -7.01
N ARG A 215 18.83 -19.65 -7.57
CA ARG A 215 19.64 -20.74 -7.04
C ARG A 215 21.13 -20.41 -7.10
N ALA A 216 21.57 -19.77 -8.18
CA ALA A 216 22.98 -19.37 -8.28
C ALA A 216 23.38 -18.46 -7.14
N GLU A 217 22.44 -17.65 -6.63
CA GLU A 217 22.78 -16.70 -5.57
C GLU A 217 22.94 -17.39 -4.21
N TRP A 218 22.00 -18.25 -3.83
CA TRP A 218 22.14 -18.88 -2.52
C TRP A 218 23.18 -19.99 -2.51
N GLU A 219 23.50 -20.58 -3.67
CA GLU A 219 24.57 -21.57 -3.71
C GLU A 219 25.94 -20.90 -3.58
N GLN A 220 26.07 -19.67 -4.08
CA GLN A 220 27.29 -18.90 -3.84
C GLN A 220 27.42 -18.56 -2.36
N LYS A 221 26.39 -17.94 -1.80
CA LYS A 221 26.40 -17.69 -0.37
C LYS A 221 24.96 -17.70 0.12
N ASP A 222 24.61 -18.59 1.05
CA ASP A 222 23.23 -18.71 1.51
C ASP A 222 23.01 -17.79 2.73
N GLU A 223 23.08 -16.48 2.47
CA GLU A 223 22.85 -15.49 3.52
C GLU A 223 22.43 -14.18 2.84
N PHE A 224 21.19 -13.77 3.10
CA PHE A 224 20.64 -12.52 2.58
C PHE A 224 20.20 -11.67 3.76
N ILE A 225 20.54 -10.38 3.74
CA ILE A 225 20.31 -9.48 4.86
C ILE A 225 19.33 -8.39 4.43
N CYS A 226 18.26 -8.25 5.20
CA CYS A 226 17.31 -7.16 5.04
C CYS A 226 17.66 -6.08 6.05
N ARG A 227 17.91 -4.86 5.56
CA ARG A 227 18.39 -3.77 6.39
C ARG A 227 17.45 -2.57 6.27
N ALA A 228 17.06 -2.01 7.41
CA ALA A 228 16.22 -0.81 7.45
C ALA A 228 17.02 0.35 8.01
N VAL A 229 16.96 1.49 7.31
CA VAL A 229 17.52 2.74 7.79
C VAL A 229 16.38 3.54 8.39
N HIS A 230 16.51 3.90 9.66
CA HIS A 230 15.46 4.63 10.36
C HIS A 230 16.08 5.49 11.44
N GLU A 231 15.66 6.76 11.47
CA GLU A 231 16.11 7.72 12.47
C GLU A 231 16.03 7.22 13.90
N ALA A 232 14.98 6.47 14.27
CA ALA A 232 14.82 6.11 15.67
C ALA A 232 15.63 4.88 16.09
N ALA A 233 16.37 4.27 15.17
CA ALA A 233 17.22 3.12 15.50
C ALA A 233 18.54 3.65 16.05
N SER A 234 18.70 3.60 17.36
CA SER A 234 19.96 4.13 17.84
C SER A 234 20.91 2.98 18.18
N PRO A 235 22.23 3.18 18.08
CA PRO A 235 22.90 4.47 17.78
C PRO A 235 23.29 4.69 16.31
N SER A 236 23.02 3.74 15.43
CA SER A 236 23.58 3.74 14.09
C SER A 236 22.54 3.91 12.99
N GLN A 237 21.27 4.07 13.36
CA GLN A 237 20.15 4.28 12.44
C GLN A 237 19.94 3.12 11.49
N THR A 238 20.41 1.91 11.84
CA THR A 238 20.14 0.72 11.05
C THR A 238 19.74 -0.43 11.96
N VAL A 239 18.73 -1.18 11.52
CA VAL A 239 18.38 -2.47 12.09
C VAL A 239 18.29 -3.46 10.93
N GLN A 240 18.70 -4.70 11.18
CA GLN A 240 18.76 -5.66 10.10
C GLN A 240 18.43 -7.06 10.61
N ARG A 241 18.30 -7.99 9.66
CA ARG A 241 17.96 -9.37 9.94
C ARG A 241 18.39 -10.22 8.76
N ALA A 242 18.91 -11.40 9.03
CA ALA A 242 19.40 -12.31 8.00
C ALA A 242 18.48 -13.52 7.89
N VAL A 243 18.54 -14.15 6.72
CA VAL A 243 17.68 -15.30 6.42
C VAL A 243 18.40 -16.18 5.41
N SER A 244 18.17 -17.49 5.51
CA SER A 244 18.79 -18.47 4.63
C SER A 244 17.70 -19.24 3.88
N VAL A 245 17.99 -19.56 2.62
CA VAL A 245 17.06 -20.37 1.84
C VAL A 245 17.05 -21.81 2.33
N ASN A 246 18.23 -22.37 2.57
CA ASN A 246 18.32 -23.77 2.99
C ASN A 246 18.31 -23.86 4.50
N PRO A 247 17.40 -24.66 5.09
CA PRO A 247 17.29 -24.87 6.54
C PRO A 247 18.57 -25.46 7.14
N GLY B 37 -14.60 19.62 -2.79
CA GLY B 37 -13.97 18.35 -2.54
C GLY B 37 -14.96 17.19 -2.46
N VAL B 38 -15.48 16.78 -3.62
CA VAL B 38 -16.39 15.65 -3.71
C VAL B 38 -15.75 14.60 -4.60
N SER B 39 -15.71 13.36 -4.11
CA SER B 39 -15.20 12.24 -4.88
C SER B 39 -16.12 11.05 -4.71
N ALA B 40 -16.14 10.19 -5.73
CA ALA B 40 -16.99 9.01 -5.72
C ALA B 40 -16.17 7.80 -6.15
N TYR B 41 -16.51 6.65 -5.56
CA TYR B 41 -15.81 5.40 -5.84
C TYR B 41 -16.84 4.28 -5.96
N LEU B 42 -16.58 3.35 -6.87
CA LEU B 42 -17.44 2.19 -7.09
C LEU B 42 -16.58 0.93 -7.19
N SER B 43 -16.80 0.00 -6.28
CA SER B 43 -15.97 -1.18 -6.15
C SER B 43 -16.63 -2.41 -6.79
N ARG B 44 -15.80 -3.37 -7.14
CA ARG B 44 -16.26 -4.69 -7.54
C ARG B 44 -16.65 -5.49 -6.30
N PRO B 45 -17.40 -6.58 -6.47
CA PRO B 45 -17.67 -7.44 -5.31
C PRO B 45 -16.38 -8.05 -4.78
N SER B 46 -16.28 -8.09 -3.46
CA SER B 46 -15.14 -8.77 -2.85
C SER B 46 -15.24 -10.27 -3.15
N PRO B 47 -14.12 -10.94 -3.42
CA PRO B 47 -14.16 -12.39 -3.60
C PRO B 47 -14.81 -13.11 -2.43
N PHE B 48 -14.69 -12.59 -1.21
CA PHE B 48 -15.35 -13.19 -0.07
C PHE B 48 -16.87 -13.12 -0.21
N ASP B 49 -17.40 -11.94 -0.52
CA ASP B 49 -18.84 -11.80 -0.65
C ASP B 49 -19.40 -12.69 -1.76
N LEU B 50 -18.64 -12.86 -2.84
CA LEU B 50 -19.17 -13.54 -4.02
C LEU B 50 -19.04 -15.06 -3.90
N PHE B 51 -17.92 -15.56 -3.38
CA PHE B 51 -17.69 -16.99 -3.30
C PHE B 51 -18.01 -17.59 -1.95
N ILE B 52 -17.88 -16.84 -0.86
CA ILE B 52 -18.07 -17.37 0.49
C ILE B 52 -19.44 -17.03 1.04
N ARG B 53 -19.81 -15.75 1.05
CA ARG B 53 -21.16 -15.37 1.48
C ARG B 53 -22.21 -15.73 0.44
N LYS B 54 -21.81 -15.95 -0.80
CA LYS B 54 -22.70 -16.26 -1.92
C LYS B 54 -23.65 -15.12 -2.25
N SER B 55 -23.31 -13.89 -1.84
CA SER B 55 -24.20 -12.73 -1.98
C SER B 55 -23.39 -11.53 -2.45
N PRO B 56 -23.04 -11.49 -3.74
CA PRO B 56 -22.15 -10.42 -4.22
C PRO B 56 -22.87 -9.07 -4.27
N THR B 57 -22.20 -8.05 -3.75
CA THR B 57 -22.70 -6.69 -3.77
C THR B 57 -21.63 -5.74 -4.27
N ILE B 58 -22.10 -4.63 -4.83
CA ILE B 58 -21.28 -3.53 -5.27
C ILE B 58 -21.71 -2.28 -4.51
N THR B 59 -20.73 -1.48 -4.07
CA THR B 59 -20.99 -0.34 -3.22
C THR B 59 -20.49 0.93 -3.88
N CYS B 60 -21.31 1.97 -3.84
CA CYS B 60 -20.96 3.30 -4.35
C CYS B 60 -20.72 4.22 -3.15
N LEU B 61 -19.51 4.74 -3.04
CA LEU B 61 -19.09 5.55 -1.91
C LEU B 61 -18.87 6.99 -2.35
N VAL B 62 -19.52 7.92 -1.66
CA VAL B 62 -19.36 9.34 -1.91
C VAL B 62 -18.88 10.00 -0.62
N VAL B 63 -17.81 10.78 -0.71
CA VAL B 63 -17.29 11.54 0.41
C VAL B 63 -17.29 13.02 0.02
N ASP B 64 -18.04 13.82 0.77
CA ASP B 64 -18.18 15.26 0.55
C ASP B 64 -17.42 15.98 1.66
N LEU B 65 -16.35 16.67 1.29
CA LEU B 65 -15.54 17.33 2.32
C LEU B 65 -16.26 18.52 2.94
N ALA B 66 -17.06 19.24 2.15
CA ALA B 66 -17.78 20.43 2.63
C ALA B 66 -19.25 20.30 2.23
N PRO B 67 -20.05 19.60 3.03
CA PRO B 67 -21.45 19.34 2.64
C PRO B 67 -22.31 20.60 2.72
N SER B 68 -22.84 21.02 1.58
CA SER B 68 -23.79 22.11 1.51
C SER B 68 -25.22 21.58 1.53
N LYS B 69 -26.18 22.50 1.61
CA LYS B 69 -27.57 22.11 1.69
C LYS B 69 -28.00 21.38 0.42
N GLY B 70 -28.81 20.34 0.59
CA GLY B 70 -29.29 19.54 -0.53
C GLY B 70 -29.06 18.05 -0.30
N THR B 71 -29.90 17.24 -0.93
CA THR B 71 -29.83 15.80 -0.77
C THR B 71 -28.92 15.18 -1.83
N VAL B 72 -28.00 14.34 -1.40
CA VAL B 72 -27.27 13.44 -2.29
C VAL B 72 -28.14 12.27 -2.69
N ASN B 73 -28.30 12.07 -4.00
CA ASN B 73 -29.00 10.92 -4.55
C ASN B 73 -28.01 10.04 -5.30
N LEU B 74 -28.18 8.72 -5.15
CA LEU B 74 -27.35 7.72 -5.84
C LEU B 74 -28.27 6.78 -6.60
N THR B 75 -28.09 6.69 -7.91
CA THR B 75 -28.93 5.87 -8.77
C THR B 75 -28.09 4.83 -9.48
N TRP B 76 -28.69 3.66 -9.68
CA TRP B 76 -28.04 2.51 -10.31
C TRP B 76 -28.71 2.19 -11.65
N SER B 77 -27.96 1.54 -12.53
CA SER B 77 -28.49 1.05 -13.79
C SER B 77 -27.53 0.06 -14.40
N ARG B 78 -28.08 -0.93 -15.09
CA ARG B 78 -27.31 -1.96 -15.76
C ARG B 78 -27.17 -1.65 -17.25
N ALA B 79 -26.09 -2.13 -17.84
CA ALA B 79 -25.81 -1.83 -19.25
C ALA B 79 -26.85 -2.45 -20.16
N SER B 80 -27.30 -3.67 -19.86
CA SER B 80 -28.32 -4.32 -20.66
C SER B 80 -29.70 -3.70 -20.48
N GLY B 81 -29.87 -2.81 -19.49
CA GLY B 81 -31.16 -2.23 -19.22
C GLY B 81 -32.06 -3.06 -18.32
N LYS B 82 -31.64 -4.26 -17.95
CA LYS B 82 -32.42 -5.11 -17.07
C LYS B 82 -32.63 -4.43 -15.72
N PRO B 83 -33.66 -4.81 -14.97
CA PRO B 83 -33.92 -4.15 -13.69
C PRO B 83 -32.85 -4.47 -12.67
N VAL B 84 -32.66 -3.53 -11.74
CA VAL B 84 -31.77 -3.72 -10.60
C VAL B 84 -32.63 -3.95 -9.37
N ASN B 85 -32.07 -4.70 -8.41
CA ASN B 85 -32.77 -4.94 -7.16
C ASN B 85 -32.80 -3.65 -6.34
N HIS B 86 -33.33 -3.76 -5.11
CA HIS B 86 -33.41 -2.61 -4.22
C HIS B 86 -32.11 -2.48 -3.44
N SER B 87 -31.58 -1.26 -3.38
CA SER B 87 -30.30 -0.98 -2.76
C SER B 87 -30.49 -0.45 -1.34
N THR B 88 -29.37 -0.40 -0.61
CA THR B 88 -29.33 0.13 0.74
C THR B 88 -28.45 1.37 0.76
N ARG B 89 -28.92 2.43 1.41
CA ARG B 89 -28.19 3.69 1.49
C ARG B 89 -27.83 3.95 2.95
N LYS B 90 -26.60 4.43 3.18
CA LYS B 90 -26.17 4.72 4.53
C LYS B 90 -25.46 6.07 4.54
N GLU B 91 -25.74 6.87 5.57
CA GLU B 91 -25.07 8.16 5.73
C GLU B 91 -24.49 8.31 7.13
N GLU B 92 -23.42 9.08 7.18
CA GLU B 92 -22.53 9.24 8.33
C GLU B 92 -21.69 10.49 8.20
N LYS B 93 -21.79 11.35 9.20
CA LYS B 93 -21.07 12.61 9.27
C LYS B 93 -19.94 12.44 10.28
N GLN B 94 -18.70 12.60 9.81
CA GLN B 94 -17.52 12.42 10.64
C GLN B 94 -17.19 13.70 11.41
N ARG B 95 -16.16 13.61 12.25
CA ARG B 95 -15.84 14.70 13.17
C ARG B 95 -15.43 15.96 12.43
N ASN B 96 -14.67 15.80 11.35
CA ASN B 96 -14.15 16.92 10.58
C ASN B 96 -15.22 17.70 9.81
N GLY B 97 -16.45 17.22 9.76
CA GLY B 97 -17.52 17.92 9.06
C GLY B 97 -17.97 17.24 7.79
N THR B 98 -17.23 16.23 7.36
CA THR B 98 -17.47 15.60 6.07
C THR B 98 -18.64 14.64 6.15
N LEU B 99 -19.37 14.54 5.05
CA LEU B 99 -20.46 13.59 4.89
C LEU B 99 -19.97 12.42 4.05
N THR B 100 -20.23 11.21 4.54
CA THR B 100 -19.91 9.99 3.81
C THR B 100 -21.21 9.25 3.53
N VAL B 101 -21.53 9.08 2.25
CA VAL B 101 -22.75 8.42 1.82
C VAL B 101 -22.37 7.18 1.02
N THR B 102 -23.12 6.10 1.24
CA THR B 102 -22.87 4.83 0.54
C THR B 102 -24.19 4.25 0.07
N SER B 103 -24.17 3.63 -1.11
CA SER B 103 -25.27 2.81 -1.57
C SER B 103 -24.71 1.47 -2.01
N THR B 104 -25.28 0.39 -1.48
CA THR B 104 -24.84 -0.96 -1.78
C THR B 104 -25.95 -1.69 -2.54
N LEU B 105 -25.60 -2.25 -3.70
CA LEU B 105 -26.57 -2.88 -4.57
C LEU B 105 -26.28 -4.38 -4.69
N PRO B 106 -27.26 -5.24 -4.45
CA PRO B 106 -27.06 -6.68 -4.68
C PRO B 106 -26.99 -6.98 -6.16
N VAL B 107 -26.01 -7.80 -6.54
CA VAL B 107 -25.86 -8.25 -7.92
C VAL B 107 -25.93 -9.76 -7.96
N GLY B 108 -26.25 -10.29 -9.15
CA GLY B 108 -26.31 -11.73 -9.32
C GLY B 108 -24.94 -12.30 -9.64
N THR B 109 -24.69 -13.52 -9.16
CA THR B 109 -23.40 -14.16 -9.41
C THR B 109 -23.22 -14.47 -10.90
N ARG B 110 -24.17 -15.22 -11.48
CA ARG B 110 -24.20 -15.51 -12.92
C ARG B 110 -24.07 -14.21 -13.75
N ASP B 111 -25.02 -13.28 -13.55
CA ASP B 111 -24.85 -11.88 -13.88
C ASP B 111 -23.44 -11.30 -13.85
N TRP B 112 -22.78 -11.31 -12.69
CA TRP B 112 -21.46 -10.67 -12.61
C TRP B 112 -20.39 -11.43 -13.41
N ILE B 113 -20.33 -12.75 -13.25
CA ILE B 113 -19.30 -13.52 -13.93
C ILE B 113 -19.50 -13.54 -15.43
N GLU B 114 -20.71 -13.26 -15.92
CA GLU B 114 -20.94 -13.22 -17.36
C GLU B 114 -20.73 -11.84 -17.96
N GLY B 115 -20.28 -10.87 -17.17
CA GLY B 115 -19.80 -9.61 -17.71
C GLY B 115 -20.77 -8.45 -17.72
N GLU B 116 -21.79 -8.46 -16.87
CA GLU B 116 -22.71 -7.33 -16.79
C GLU B 116 -21.99 -6.11 -16.21
N THR B 117 -22.24 -4.95 -16.80
CA THR B 117 -21.61 -3.70 -16.39
C THR B 117 -22.62 -2.84 -15.65
N TYR B 118 -22.23 -2.35 -14.48
CA TYR B 118 -23.11 -1.57 -13.62
C TYR B 118 -22.56 -0.15 -13.47
N GLN B 119 -23.45 0.77 -13.15
CA GLN B 119 -23.13 2.19 -13.19
C GLN B 119 -23.88 2.92 -12.09
N CYS B 120 -23.14 3.75 -11.36
CA CYS B 120 -23.63 4.58 -10.25
C CYS B 120 -23.53 6.04 -10.64
N ARG B 121 -24.63 6.77 -10.50
CA ARG B 121 -24.68 8.20 -10.77
C ARG B 121 -24.95 8.96 -9.48
N VAL B 122 -24.13 9.96 -9.20
CA VAL B 122 -24.22 10.75 -7.97
C VAL B 122 -24.64 12.17 -8.32
N THR B 123 -25.69 12.65 -7.67
CA THR B 123 -26.29 13.95 -7.97
C THR B 123 -26.46 14.76 -6.69
N HIS B 124 -26.13 16.04 -6.77
CA HIS B 124 -26.39 17.01 -5.72
C HIS B 124 -26.78 18.33 -6.37
N PRO B 125 -27.67 19.11 -5.75
CA PRO B 125 -28.09 20.37 -6.36
C PRO B 125 -26.96 21.36 -6.59
N HIS B 126 -25.91 21.33 -5.77
CA HIS B 126 -24.82 22.31 -5.87
C HIS B 126 -23.58 21.75 -6.54
N LEU B 127 -23.71 20.64 -7.28
CA LEU B 127 -22.67 20.09 -8.14
C LEU B 127 -22.94 20.46 -9.59
N PRO B 128 -21.93 20.89 -10.36
CA PRO B 128 -22.18 21.33 -11.74
C PRO B 128 -22.72 20.23 -12.65
N ARG B 129 -21.97 19.14 -12.83
CA ARG B 129 -22.45 17.94 -13.53
C ARG B 129 -22.85 16.91 -12.48
N ALA B 130 -23.34 15.78 -12.95
CA ALA B 130 -23.38 14.59 -12.11
C ALA B 130 -22.09 13.80 -12.25
N LEU B 131 -21.85 12.91 -11.28
CA LEU B 131 -20.68 12.03 -11.28
C LEU B 131 -21.11 10.61 -11.60
N MET B 132 -20.35 9.94 -12.47
CA MET B 132 -20.67 8.60 -12.92
C MET B 132 -19.48 7.67 -12.70
N ARG B 133 -19.74 6.50 -12.13
CA ARG B 133 -18.74 5.47 -11.95
C ARG B 133 -19.32 4.14 -12.39
N SER B 134 -18.47 3.28 -12.95
CA SER B 134 -18.89 2.04 -13.57
C SER B 134 -18.00 0.90 -13.12
N THR B 135 -18.53 -0.32 -13.18
CA THR B 135 -17.81 -1.50 -12.73
C THR B 135 -18.28 -2.73 -13.51
N THR B 136 -17.36 -3.65 -13.76
CA THR B 136 -17.64 -4.89 -14.45
C THR B 136 -16.62 -5.94 -14.01
N LYS B 137 -16.79 -7.16 -14.51
CA LYS B 137 -15.94 -8.27 -14.08
C LYS B 137 -14.49 -8.02 -14.49
N THR B 138 -13.58 -8.59 -13.70
CA THR B 138 -12.14 -8.43 -13.96
C THR B 138 -11.77 -9.06 -15.30
N SER B 139 -10.67 -8.58 -15.87
CA SER B 139 -10.22 -9.01 -17.18
C SER B 139 -8.76 -9.43 -17.13
N GLY B 140 -8.34 -10.14 -18.17
CA GLY B 140 -6.95 -10.44 -18.37
C GLY B 140 -6.56 -11.86 -18.01
N PRO B 141 -5.25 -12.11 -17.92
CA PRO B 141 -4.77 -13.44 -17.54
C PRO B 141 -5.20 -13.81 -16.12
N ARG B 142 -5.36 -15.10 -15.88
CA ARG B 142 -5.83 -15.59 -14.60
C ARG B 142 -4.85 -16.61 -14.03
N ALA B 143 -4.43 -16.37 -12.79
CA ALA B 143 -3.43 -17.18 -12.11
C ALA B 143 -3.80 -17.32 -10.65
N ALA B 144 -3.66 -18.53 -10.11
CA ALA B 144 -4.05 -18.83 -8.74
C ALA B 144 -2.97 -18.37 -7.75
N PRO B 145 -3.36 -18.00 -6.53
CA PRO B 145 -2.40 -17.46 -5.57
C PRO B 145 -1.58 -18.53 -4.87
N GLU B 146 -0.37 -18.13 -4.48
CA GLU B 146 0.50 -18.93 -3.61
C GLU B 146 0.52 -18.27 -2.23
N VAL B 147 0.30 -19.06 -1.19
CA VAL B 147 0.12 -18.54 0.16
C VAL B 147 1.21 -19.12 1.07
N TYR B 148 1.95 -18.23 1.73
CA TYR B 148 3.02 -18.61 2.66
C TYR B 148 2.82 -17.85 3.97
N ALA B 149 2.91 -18.57 5.09
CA ALA B 149 2.65 -18.00 6.41
C ALA B 149 3.87 -18.15 7.31
N PHE B 150 4.18 -17.11 8.08
CA PHE B 150 5.38 -17.06 8.88
C PHE B 150 5.05 -16.56 10.28
N ALA B 151 5.96 -16.85 11.22
CA ALA B 151 5.80 -16.49 12.63
C ALA B 151 7.08 -15.83 13.13
N THR B 152 6.91 -14.74 13.89
CA THR B 152 8.06 -14.01 14.41
C THR B 152 8.61 -14.66 15.67
N PRO B 153 9.90 -14.51 15.95
CA PRO B 153 10.45 -15.10 17.18
C PRO B 153 10.04 -14.33 18.43
N GLU B 154 10.15 -15.01 19.55
CA GLU B 154 9.84 -14.39 20.83
C GLU B 154 10.91 -13.36 21.22
N TRP B 155 10.46 -12.27 21.79
CA TRP B 155 11.17 -11.08 22.22
C TRP B 155 10.97 -10.91 23.72
N PRO B 156 11.96 -10.35 24.45
CA PRO B 156 11.81 -10.29 25.92
C PRO B 156 10.54 -9.58 26.38
N GLY B 157 10.24 -8.42 25.79
CA GLY B 157 9.03 -7.70 26.19
C GLY B 157 7.78 -8.36 25.63
N SER B 158 7.77 -8.64 24.33
CA SER B 158 6.63 -9.30 23.70
C SER B 158 6.71 -10.82 23.89
N ARG B 159 6.65 -11.22 25.16
CA ARG B 159 6.57 -12.63 25.52
C ARG B 159 5.13 -13.15 25.54
N ASP B 160 4.15 -12.25 25.59
CA ASP B 160 2.74 -12.61 25.57
C ASP B 160 2.06 -12.31 24.26
N LYS B 161 2.81 -11.81 23.28
CA LYS B 161 2.21 -11.43 22.00
C LYS B 161 3.25 -11.64 20.92
N ARG B 162 2.78 -11.82 19.68
CA ARG B 162 3.77 -12.19 18.70
C ARG B 162 3.05 -12.03 17.35
N THR B 163 3.84 -11.93 16.27
CA THR B 163 3.29 -11.44 15.01
C THR B 163 3.34 -12.51 13.94
N LEU B 164 2.22 -12.74 13.27
CA LEU B 164 2.14 -13.66 12.15
C LEU B 164 2.04 -12.89 10.84
N ALA B 165 2.70 -13.38 9.80
CA ALA B 165 2.73 -12.71 8.50
C ALA B 165 2.38 -13.70 7.41
N CYS B 166 1.70 -13.20 6.38
CA CYS B 166 1.23 -14.02 5.28
C CYS B 166 1.60 -13.37 3.96
N LEU B 167 2.19 -14.15 3.07
CA LEU B 167 2.54 -13.69 1.73
C LEU B 167 1.64 -14.41 0.74
N ILE B 168 0.79 -13.66 0.04
CA ILE B 168 -0.06 -14.22 -1.00
C ILE B 168 0.43 -13.59 -2.31
N GLN B 169 0.93 -14.42 -3.22
CA GLN B 169 1.72 -13.90 -4.34
C GLN B 169 1.40 -14.65 -5.62
N ASN B 170 1.81 -14.03 -6.73
CA ASN B 170 1.72 -14.62 -8.09
C ASN B 170 0.28 -14.91 -8.48
N PHE B 171 -0.65 -14.06 -8.06
CA PHE B 171 -2.05 -14.22 -8.41
C PHE B 171 -2.48 -13.16 -9.40
N MET B 172 -3.34 -13.57 -10.34
CA MET B 172 -3.98 -12.69 -11.31
C MET B 172 -5.42 -13.18 -11.49
N PRO B 173 -6.40 -12.27 -11.54
CA PRO B 173 -6.28 -10.80 -11.45
C PRO B 173 -6.09 -10.27 -10.04
N GLU B 174 -6.28 -8.96 -9.85
CA GLU B 174 -5.79 -8.30 -8.65
C GLU B 174 -6.73 -8.39 -7.46
N ASP B 175 -7.96 -8.86 -7.63
CA ASP B 175 -8.91 -8.90 -6.52
C ASP B 175 -8.69 -10.16 -5.67
N ILE B 176 -8.56 -9.94 -4.36
CA ILE B 176 -8.21 -10.99 -3.40
C ILE B 176 -8.90 -10.64 -2.08
N SER B 177 -9.34 -11.65 -1.35
CA SER B 177 -9.87 -11.47 -0.01
C SER B 177 -9.03 -12.29 0.97
N VAL B 178 -8.65 -11.68 2.09
CA VAL B 178 -7.71 -12.29 3.02
C VAL B 178 -8.36 -12.46 4.38
N GLN B 179 -8.17 -13.64 4.97
CA GLN B 179 -8.81 -14.05 6.21
C GLN B 179 -7.84 -14.86 7.06
N TRP B 180 -7.81 -14.61 8.36
CA TRP B 180 -7.04 -15.38 9.32
C TRP B 180 -7.99 -16.18 10.20
N LEU B 181 -7.65 -17.44 10.47
CA LEU B 181 -8.52 -18.36 11.20
C LEU B 181 -7.78 -19.02 12.35
N HIS B 182 -8.49 -19.27 13.44
CA HIS B 182 -7.92 -19.92 14.62
C HIS B 182 -9.01 -20.70 15.35
N ASN B 183 -8.72 -21.96 15.67
CA ASN B 183 -9.61 -22.86 16.40
C ASN B 183 -11.02 -22.85 15.82
N GLU B 184 -11.10 -23.05 14.50
CA GLU B 184 -12.38 -23.07 13.77
C GLU B 184 -13.16 -21.79 14.00
N VAL B 185 -12.46 -20.67 14.15
CA VAL B 185 -13.06 -19.36 14.35
C VAL B 185 -12.41 -18.39 13.37
N GLN B 186 -13.24 -17.63 12.65
CA GLN B 186 -12.75 -16.61 11.74
C GLN B 186 -12.45 -15.33 12.52
N LEU B 187 -11.19 -14.92 12.55
CA LEU B 187 -10.80 -13.77 13.36
C LEU B 187 -11.39 -12.49 12.79
N PRO B 188 -11.77 -11.54 13.64
CA PRO B 188 -12.32 -10.28 13.14
C PRO B 188 -11.31 -9.54 12.27
N ASP B 189 -11.82 -8.90 11.21
CA ASP B 189 -10.96 -8.22 10.24
C ASP B 189 -10.13 -7.12 10.90
N ALA B 190 -10.60 -6.56 12.01
CA ALA B 190 -9.88 -5.49 12.68
C ALA B 190 -8.60 -5.97 13.36
N ARG B 191 -8.36 -7.28 13.38
CA ARG B 191 -7.17 -7.81 14.04
C ARG B 191 -5.97 -7.92 13.12
N HIS B 192 -6.15 -7.82 11.81
CA HIS B 192 -5.05 -7.93 10.87
C HIS B 192 -5.05 -6.73 9.92
N SER B 193 -3.93 -6.56 9.23
CA SER B 193 -3.73 -5.46 8.29
C SER B 193 -3.17 -6.04 7.01
N THR B 194 -3.85 -5.78 5.89
CA THR B 194 -3.48 -6.36 4.60
C THR B 194 -3.09 -5.25 3.63
N THR B 195 -1.93 -5.42 3.00
CA THR B 195 -1.41 -4.43 2.07
C THR B 195 -2.20 -4.43 0.77
N GLN B 196 -2.17 -3.29 0.08
CA GLN B 196 -2.82 -3.19 -1.22
C GLN B 196 -2.14 -4.13 -2.22
N PRO B 197 -2.90 -4.70 -3.15
CA PRO B 197 -2.30 -5.59 -4.15
C PRO B 197 -1.29 -4.85 -5.02
N ARG B 198 -0.09 -5.41 -5.13
CA ARG B 198 1.01 -4.81 -5.87
C ARG B 198 1.53 -5.81 -6.89
N LYS B 199 1.93 -5.31 -8.05
CA LYS B 199 2.30 -6.16 -9.18
C LYS B 199 3.78 -6.47 -9.12
N THR B 200 4.13 -7.76 -9.07
CA THR B 200 5.49 -8.14 -9.37
C THR B 200 5.71 -7.78 -10.83
N LYS B 201 6.87 -7.19 -11.13
CA LYS B 201 7.08 -6.64 -12.48
C LYS B 201 6.68 -7.62 -13.57
N GLY B 202 6.89 -8.91 -13.36
CA GLY B 202 6.64 -9.86 -14.42
C GLY B 202 5.51 -10.86 -14.23
N SER B 203 5.28 -11.34 -13.00
CA SER B 203 4.34 -12.46 -12.81
C SER B 203 3.43 -12.21 -11.61
N GLY B 204 2.32 -11.53 -11.85
CA GLY B 204 1.23 -11.49 -10.89
C GLY B 204 1.30 -10.36 -9.89
N PHE B 205 0.38 -10.44 -8.92
CA PHE B 205 0.25 -9.48 -7.83
C PHE B 205 0.63 -10.13 -6.51
N PHE B 206 0.96 -9.30 -5.52
CA PHE B 206 1.25 -9.81 -4.19
C PHE B 206 0.63 -8.92 -3.13
N VAL B 207 0.16 -9.55 -2.05
CA VAL B 207 -0.32 -8.87 -0.86
C VAL B 207 0.38 -9.47 0.36
N PHE B 208 0.41 -8.69 1.43
CA PHE B 208 0.93 -9.13 2.72
C PHE B 208 -0.13 -8.89 3.78
N SER B 209 -0.17 -9.77 4.78
CA SER B 209 -1.07 -9.59 5.91
C SER B 209 -0.29 -9.75 7.20
N ARG B 210 -0.48 -8.83 8.14
CA ARG B 210 0.18 -8.84 9.45
C ARG B 210 -0.87 -9.01 10.53
N LEU B 211 -0.69 -10.01 11.39
CA LEU B 211 -1.62 -10.31 12.47
C LEU B 211 -0.85 -10.52 13.76
N GLU B 212 -1.20 -9.75 14.79
CA GLU B 212 -0.68 -9.95 16.14
C GLU B 212 -1.54 -10.97 16.87
N VAL B 213 -0.90 -11.94 17.52
CA VAL B 213 -1.60 -12.99 18.25
C VAL B 213 -1.15 -12.96 19.70
N THR B 214 -1.98 -13.53 20.57
CA THR B 214 -1.72 -13.52 22.01
C THR B 214 -1.33 -14.90 22.51
N ARG B 215 -0.61 -14.92 23.63
CA ARG B 215 -0.19 -16.19 24.24
C ARG B 215 -1.39 -17.04 24.62
N ALA B 216 -2.45 -16.40 25.11
CA ALA B 216 -3.69 -17.14 25.40
C ALA B 216 -4.18 -17.90 24.18
N GLU B 217 -3.94 -17.37 22.98
CA GLU B 217 -4.48 -17.99 21.78
C GLU B 217 -3.63 -19.16 21.31
N TRP B 218 -2.30 -18.99 21.25
CA TRP B 218 -1.48 -20.10 20.77
C TRP B 218 -1.39 -21.22 21.80
N GLU B 219 -1.57 -20.91 23.09
CA GLU B 219 -1.63 -21.97 24.09
C GLU B 219 -2.93 -22.74 24.00
N GLN B 220 -4.02 -22.09 23.56
CA GLN B 220 -5.26 -22.82 23.27
C GLN B 220 -5.08 -23.73 22.07
N LYS B 221 -4.44 -23.22 21.01
CA LYS B 221 -4.15 -24.02 19.82
C LYS B 221 -3.11 -23.26 19.00
N ASP B 222 -1.97 -23.89 18.73
CA ASP B 222 -0.93 -23.27 17.92
C ASP B 222 -1.11 -23.64 16.45
N GLU B 223 -2.29 -23.30 15.93
CA GLU B 223 -2.57 -23.42 14.50
C GLU B 223 -3.36 -22.18 14.08
N PHE B 224 -2.71 -21.33 13.30
CA PHE B 224 -3.33 -20.14 12.73
C PHE B 224 -3.25 -20.25 11.21
N ILE B 225 -4.37 -20.05 10.55
CA ILE B 225 -4.49 -20.30 9.11
C ILE B 225 -4.75 -18.98 8.39
N CYS B 226 -3.98 -18.73 7.34
CA CYS B 226 -4.17 -17.59 6.47
C CYS B 226 -4.82 -18.08 5.18
N ARG B 227 -6.06 -17.68 4.93
CA ARG B 227 -6.79 -18.11 3.75
C ARG B 227 -7.00 -16.94 2.81
N ALA B 228 -6.87 -17.22 1.52
CA ALA B 228 -7.18 -16.27 0.46
C ALA B 228 -8.36 -16.77 -0.35
N VAL B 229 -9.25 -15.87 -0.71
CA VAL B 229 -10.33 -16.14 -1.65
C VAL B 229 -9.99 -15.43 -2.95
N HIS B 230 -9.88 -16.21 -4.03
CA HIS B 230 -9.48 -15.67 -5.32
C HIS B 230 -10.16 -16.47 -6.43
N GLU B 231 -10.45 -15.77 -7.53
CA GLU B 231 -11.24 -16.37 -8.61
C GLU B 231 -10.55 -17.60 -9.19
N ALA B 232 -9.24 -17.50 -9.43
CA ALA B 232 -8.51 -18.48 -10.19
C ALA B 232 -8.00 -19.65 -9.36
N ALA B 233 -8.30 -19.66 -8.06
CA ALA B 233 -8.03 -20.82 -7.22
C ALA B 233 -9.08 -21.88 -7.55
N SER B 234 -8.73 -22.82 -8.41
CA SER B 234 -9.74 -23.77 -8.80
C SER B 234 -9.51 -25.11 -8.10
N PRO B 235 -10.58 -25.83 -7.70
CA PRO B 235 -12.01 -25.59 -7.97
C PRO B 235 -12.81 -24.84 -6.90
N SER B 236 -12.22 -24.50 -5.76
CA SER B 236 -13.00 -23.97 -4.63
C SER B 236 -12.69 -22.53 -4.28
N GLN B 237 -11.84 -21.85 -5.05
CA GLN B 237 -11.58 -20.41 -4.90
C GLN B 237 -11.00 -20.07 -3.53
N THR B 238 -10.23 -21.00 -2.96
CA THR B 238 -9.58 -20.79 -1.67
C THR B 238 -8.20 -21.43 -1.69
N VAL B 239 -7.21 -20.70 -1.16
CA VAL B 239 -5.86 -21.20 -0.96
C VAL B 239 -5.44 -20.81 0.45
N GLN B 240 -4.72 -21.69 1.14
CA GLN B 240 -4.44 -21.41 2.55
C GLN B 240 -3.12 -22.02 2.98
N ARG B 241 -2.60 -21.47 4.08
CA ARG B 241 -1.38 -21.93 4.73
C ARG B 241 -1.57 -21.81 6.24
N ALA B 242 -0.97 -22.74 6.97
CA ALA B 242 -1.02 -22.74 8.42
C ALA B 242 0.34 -22.38 8.99
N VAL B 243 0.33 -21.84 10.21
CA VAL B 243 1.56 -21.43 10.90
C VAL B 243 1.41 -21.75 12.38
N SER B 244 2.53 -22.09 13.01
CA SER B 244 2.60 -22.34 14.44
C SER B 244 3.62 -21.41 15.05
N VAL B 245 3.26 -20.81 16.19
CA VAL B 245 4.16 -19.91 16.89
C VAL B 245 5.39 -20.66 17.37
N ASN B 246 5.17 -21.83 17.99
CA ASN B 246 6.23 -22.75 18.40
C ASN B 246 6.24 -23.96 17.53
N PRO B 247 7.44 -24.51 17.21
CA PRO B 247 7.59 -25.57 16.16
C PRO B 247 6.69 -26.75 16.43
N ASP C 20 19.29 -10.02 31.17
CA ASP C 20 20.54 -10.45 31.80
C ASP C 20 21.46 -9.26 32.05
N LEU C 21 22.71 -9.55 32.45
CA LEU C 21 23.64 -8.50 32.82
C LEU C 21 24.03 -7.65 31.61
N GLY C 22 24.15 -8.27 30.44
CA GLY C 22 24.51 -7.52 29.24
C GLY C 22 23.48 -6.47 28.87
N LYS C 23 22.20 -6.84 28.97
CA LYS C 23 21.13 -5.88 28.67
C LYS C 23 21.13 -4.74 29.67
N LYS C 24 21.28 -5.05 30.95
CA LYS C 24 21.31 -4.00 31.97
C LYS C 24 22.55 -3.13 31.85
N LEU C 25 23.68 -3.71 31.44
CA LEU C 25 24.89 -2.90 31.25
C LEU C 25 24.75 -1.97 30.05
N LEU C 26 24.16 -2.46 28.97
CA LEU C 26 23.92 -1.61 27.80
C LEU C 26 23.03 -0.43 28.17
N GLU C 27 21.95 -0.71 28.91
CA GLU C 27 21.06 0.37 29.34
C GLU C 27 21.76 1.31 30.32
N ALA C 28 22.52 0.76 31.26
CA ALA C 28 23.25 1.61 32.20
C ALA C 28 24.29 2.44 31.50
N ALA C 29 25.00 1.86 30.52
CA ALA C 29 26.01 2.62 29.79
C ALA C 29 25.37 3.72 28.95
N ARG C 30 24.16 3.49 28.44
CA ARG C 30 23.48 4.50 27.63
C ARG C 30 22.96 5.64 28.50
N ALA C 31 22.32 5.31 29.62
CA ALA C 31 21.70 6.33 30.46
C ALA C 31 22.70 7.16 31.23
N GLY C 32 23.96 6.75 31.28
CA GLY C 32 24.93 7.43 32.12
C GLY C 32 24.95 6.96 33.55
N GLN C 33 24.26 5.86 33.86
CA GLN C 33 24.20 5.34 35.22
C GLN C 33 25.59 4.85 35.62
N ASP C 34 26.31 5.71 36.34
CA ASP C 34 27.76 5.56 36.51
C ASP C 34 28.08 4.42 37.46
N ASP C 35 27.46 4.40 38.64
CA ASP C 35 27.70 3.35 39.62
C ASP C 35 27.06 2.03 39.22
N GLU C 36 26.05 2.07 38.35
CA GLU C 36 25.35 0.86 37.95
C GLU C 36 26.14 0.09 36.90
N VAL C 37 26.96 0.77 36.11
CA VAL C 37 27.91 0.08 35.24
C VAL C 37 28.92 -0.69 36.07
N ARG C 38 29.41 -0.07 37.15
CA ARG C 38 30.37 -0.74 38.02
C ARG C 38 29.76 -1.95 38.70
N ILE C 39 28.54 -1.82 39.23
CA ILE C 39 27.93 -2.97 39.91
C ILE C 39 27.68 -4.11 38.93
N LEU C 40 27.25 -3.80 37.71
CA LEU C 40 27.00 -4.86 36.74
C LEU C 40 28.30 -5.56 36.34
N MET C 41 29.38 -4.80 36.14
CA MET C 41 30.67 -5.42 35.83
C MET C 41 31.21 -6.20 37.02
N ALA C 42 30.91 -5.76 38.24
CA ALA C 42 31.26 -6.55 39.41
C ALA C 42 30.52 -7.88 39.44
N ASN C 43 29.34 -7.93 38.81
CA ASN C 43 28.56 -9.15 38.74
C ASN C 43 28.94 -10.03 37.54
N GLY C 44 29.96 -9.63 36.78
CA GLY C 44 30.42 -10.44 35.67
C GLY C 44 29.84 -10.07 34.32
N ALA C 45 29.23 -8.90 34.20
CA ALA C 45 28.70 -8.47 32.91
C ALA C 45 29.83 -8.33 31.90
N ASP C 46 29.62 -8.90 30.71
CA ASP C 46 30.60 -8.79 29.63
C ASP C 46 30.76 -7.34 29.22
N VAL C 47 32.00 -6.82 29.34
CA VAL C 47 32.23 -5.42 29.01
C VAL C 47 32.01 -5.18 27.52
N ASN C 48 32.12 -6.22 26.70
CA ASN C 48 31.87 -6.14 25.27
C ASN C 48 30.58 -6.85 24.87
N ALA C 49 29.60 -6.86 25.77
CA ALA C 49 28.28 -7.39 25.44
C ALA C 49 27.68 -6.61 24.27
N ILE C 50 26.86 -7.29 23.48
CA ILE C 50 26.25 -6.70 22.29
C ILE C 50 24.74 -6.92 22.33
N ASP C 51 24.02 -6.02 21.66
CA ASP C 51 22.58 -6.11 21.53
C ASP C 51 22.23 -6.71 20.16
N HIS C 52 20.98 -6.54 19.73
CA HIS C 52 20.49 -7.14 18.49
C HIS C 52 21.17 -6.59 17.24
N ASN C 53 21.90 -5.48 17.35
CA ASN C 53 22.58 -4.87 16.21
C ASN C 53 24.08 -4.72 16.47
N GLY C 54 24.63 -5.49 17.39
CA GLY C 54 26.06 -5.49 17.62
C GLY C 54 26.60 -4.32 18.41
N THR C 55 25.74 -3.57 19.09
CA THR C 55 26.16 -2.39 19.82
C THR C 55 26.74 -2.80 21.18
N THR C 56 27.99 -2.40 21.44
CA THR C 56 28.63 -2.62 22.72
C THR C 56 28.32 -1.46 23.67
N PRO C 57 28.49 -1.65 24.98
CA PRO C 57 28.29 -0.52 25.90
C PRO C 57 29.19 0.66 25.60
N LEU C 58 30.38 0.41 25.05
CA LEU C 58 31.27 1.51 24.68
C LEU C 58 30.69 2.33 23.53
N HIS C 59 30.02 1.67 22.58
CA HIS C 59 29.30 2.39 21.54
C HIS C 59 28.33 3.39 22.14
N LEU C 60 27.48 2.93 23.06
CA LEU C 60 26.44 3.77 23.63
C LEU C 60 27.01 4.88 24.49
N ALA C 61 28.05 4.57 25.29
CA ALA C 61 28.68 5.58 26.12
C ALA C 61 29.32 6.66 25.25
N ALA C 62 29.93 6.27 24.13
CA ALA C 62 30.52 7.25 23.23
C ALA C 62 29.45 8.07 22.53
N TYR C 63 28.36 7.42 22.12
CA TYR C 63 27.26 8.13 21.45
C TYR C 63 26.62 9.13 22.38
N ALA C 64 26.27 8.70 23.60
CA ALA C 64 25.56 9.56 24.55
C ALA C 64 26.46 10.62 25.19
N GLY C 65 27.77 10.54 25.02
CA GLY C 65 28.67 11.55 25.53
C GLY C 65 29.13 11.36 26.95
N HIS C 66 29.06 10.14 27.49
CA HIS C 66 29.42 9.87 28.88
C HIS C 66 30.91 9.53 28.94
N LEU C 67 31.72 10.59 29.01
CA LEU C 67 33.18 10.42 28.98
C LEU C 67 33.67 9.56 30.14
N GLU C 68 33.10 9.75 31.33
CA GLU C 68 33.55 8.99 32.49
C GLU C 68 33.25 7.51 32.34
N ILE C 69 32.08 7.17 31.79
CA ILE C 69 31.76 5.77 31.56
C ILE C 69 32.59 5.22 30.40
N VAL C 70 32.89 6.05 29.40
CA VAL C 70 33.79 5.63 28.33
C VAL C 70 35.14 5.24 28.89
N GLU C 71 35.67 6.04 29.82
CA GLU C 71 36.95 5.73 30.41
C GLU C 71 36.89 4.43 31.21
N VAL C 72 35.87 4.28 32.06
CA VAL C 72 35.73 3.09 32.89
C VAL C 72 35.64 1.84 32.03
N LEU C 73 34.84 1.89 30.96
CA LEU C 73 34.71 0.72 30.10
C LEU C 73 36.04 0.34 29.46
N LEU C 74 36.80 1.33 29.00
CA LEU C 74 38.11 1.03 28.41
C LEU C 74 39.05 0.40 29.44
N LYS C 75 39.03 0.91 30.67
CA LYS C 75 39.88 0.34 31.72
C LYS C 75 39.55 -1.11 32.01
N HIS C 76 38.35 -1.56 31.67
CA HIS C 76 37.94 -2.95 31.88
C HIS C 76 38.02 -3.78 30.62
N GLY C 77 38.87 -3.40 29.67
CA GLY C 77 39.11 -4.20 28.50
C GLY C 77 38.09 -4.06 27.38
N ALA C 78 37.33 -2.97 27.36
CA ALA C 78 36.38 -2.77 26.28
C ALA C 78 37.10 -2.62 24.95
N ASP C 79 36.58 -3.30 23.92
CA ASP C 79 37.17 -3.27 22.60
C ASP C 79 36.94 -1.90 21.97
N VAL C 80 38.00 -1.10 21.87
CA VAL C 80 37.87 0.27 21.36
C VAL C 80 37.48 0.28 19.88
N ASN C 81 37.75 -0.81 19.15
CA ASN C 81 37.46 -0.88 17.73
C ASN C 81 36.27 -1.78 17.41
N ALA C 82 35.42 -2.04 18.40
CA ALA C 82 34.24 -2.88 18.18
C ALA C 82 33.34 -2.27 17.11
N ARG C 83 32.77 -3.14 16.27
CA ARG C 83 31.94 -2.71 15.16
C ARG C 83 30.54 -3.30 15.31
N ASP C 84 29.53 -2.48 15.06
CA ASP C 84 28.16 -2.95 15.02
C ASP C 84 27.84 -3.43 13.60
N LEU C 85 26.59 -3.86 13.39
CA LEU C 85 26.23 -4.49 12.12
C LEU C 85 26.33 -3.51 10.95
N ARG C 86 26.25 -2.21 11.18
CA ARG C 86 26.54 -1.24 10.12
C ARG C 86 28.03 -1.07 9.89
N GLY C 87 28.85 -1.36 10.89
CA GLY C 87 30.28 -1.16 10.79
C GLY C 87 30.80 0.04 11.55
N PHE C 88 29.98 0.68 12.38
CA PHE C 88 30.43 1.80 13.17
C PHE C 88 31.29 1.33 14.34
N THR C 89 32.41 2.01 14.54
CA THR C 89 33.15 1.94 15.79
C THR C 89 32.66 3.04 16.72
N PRO C 90 33.01 2.98 18.01
CA PRO C 90 32.66 4.11 18.90
C PRO C 90 33.23 5.43 18.43
N LEU C 91 34.31 5.43 17.64
CA LEU C 91 34.85 6.68 17.10
C LEU C 91 33.86 7.32 16.14
N HIS C 92 33.23 6.52 15.28
CA HIS C 92 32.16 7.02 14.41
C HIS C 92 31.12 7.79 15.22
N LEU C 93 30.66 7.18 16.31
CA LEU C 93 29.59 7.78 17.11
C LEU C 93 30.05 9.03 17.84
N ALA C 94 31.25 8.98 18.42
CA ALA C 94 31.79 10.18 19.06
C ALA C 94 31.98 11.31 18.06
N ALA C 95 32.29 10.97 16.80
CA ALA C 95 32.42 11.99 15.78
C ALA C 95 31.06 12.56 15.38
N ILE C 96 30.02 11.74 15.40
CA ILE C 96 28.69 12.21 14.99
C ILE C 96 28.17 13.25 15.98
N ASP C 97 28.20 12.94 17.27
CA ASP C 97 27.69 13.85 18.29
C ASP C 97 28.70 14.92 18.69
N GLY C 98 29.91 14.87 18.18
CA GLY C 98 30.89 15.92 18.43
C GLY C 98 31.43 15.97 19.85
N HIS C 99 31.65 14.81 20.47
CA HIS C 99 32.24 14.73 21.80
C HIS C 99 33.76 14.74 21.65
N LEU C 100 34.35 15.92 21.83
CA LEU C 100 35.77 16.09 21.52
C LEU C 100 36.65 15.28 22.47
N GLU C 101 36.37 15.35 23.77
CA GLU C 101 37.20 14.64 24.74
C GLU C 101 37.06 13.12 24.59
N ILE C 102 35.88 12.65 24.16
CA ILE C 102 35.70 11.21 23.95
C ILE C 102 36.47 10.76 22.72
N VAL C 103 36.50 11.59 21.66
CA VAL C 103 37.28 11.25 20.48
C VAL C 103 38.75 11.12 20.84
N GLU C 104 39.27 12.04 21.67
CA GLU C 104 40.68 12.00 22.02
C GLU C 104 41.02 10.77 22.86
N VAL C 105 40.15 10.41 23.80
CA VAL C 105 40.41 9.24 24.64
C VAL C 105 40.31 7.97 23.81
N LEU C 106 39.34 7.89 22.91
CA LEU C 106 39.25 6.75 22.02
C LEU C 106 40.52 6.59 21.19
N LEU C 107 41.00 7.71 20.62
CA LEU C 107 42.22 7.67 19.82
C LEU C 107 43.43 7.28 20.68
N LYS C 108 43.50 7.81 21.91
CA LYS C 108 44.64 7.47 22.77
C LYS C 108 44.67 5.99 23.12
N TYR C 109 43.50 5.35 23.19
CA TYR C 109 43.43 3.92 23.49
C TYR C 109 43.53 3.05 22.25
N GLY C 110 43.81 3.63 21.10
CA GLY C 110 44.05 2.87 19.90
C GLY C 110 42.88 2.72 18.94
N ALA C 111 41.95 3.68 18.93
CA ALA C 111 40.88 3.64 17.94
C ALA C 111 41.45 3.83 16.53
N ASP C 112 40.80 3.25 15.53
CA ASP C 112 41.23 3.40 14.11
C ASP C 112 40.53 4.61 13.53
N VAL C 113 41.29 5.66 13.23
CA VAL C 113 40.74 6.93 12.69
C VAL C 113 40.21 6.70 11.29
N ASN C 114 40.70 5.68 10.62
CA ASN C 114 40.36 5.47 9.20
C ASN C 114 39.42 4.29 9.07
N ALA C 115 38.69 4.00 10.14
CA ALA C 115 37.78 2.85 10.16
C ALA C 115 36.63 3.09 9.22
N ASP C 116 36.30 2.08 8.43
CA ASP C 116 35.29 2.22 7.38
C ASP C 116 34.09 1.36 7.74
N ASP C 117 32.91 1.83 7.39
CA ASP C 117 31.67 1.06 7.63
C ASP C 117 31.37 0.21 6.41
N ASP C 118 30.22 -0.41 6.39
CA ASP C 118 29.79 -1.23 5.23
C ASP C 118 29.49 -0.33 4.04
N TYR C 119 29.48 0.99 4.19
CA TYR C 119 29.30 1.86 3.03
C TYR C 119 30.50 2.75 2.77
N GLY C 120 31.59 2.57 3.48
CA GLY C 120 32.69 3.44 3.17
C GLY C 120 32.79 4.68 4.01
N THR C 121 31.98 4.80 5.06
CA THR C 121 31.95 6.03 5.86
C THR C 121 33.00 5.96 6.96
N THR C 122 33.95 6.91 6.94
CA THR C 122 34.95 7.05 7.99
C THR C 122 34.51 8.08 9.01
N PRO C 123 35.10 8.08 10.20
CA PRO C 123 34.82 9.16 11.16
C PRO C 123 34.99 10.55 10.58
N LEU C 124 35.95 10.73 9.67
CA LEU C 124 36.13 12.03 9.03
C LEU C 124 34.91 12.42 8.21
N HIS C 125 34.26 11.44 7.58
CA HIS C 125 33.02 11.72 6.85
C HIS C 125 31.95 12.28 7.80
N LEU C 126 31.78 11.64 8.95
CA LEU C 126 30.70 12.02 9.86
C LEU C 126 30.97 13.37 10.50
N ALA C 127 32.23 13.65 10.86
CA ALA C 127 32.57 14.96 11.40
C ALA C 127 32.27 16.07 10.39
N ALA C 128 32.58 15.82 9.12
CA ALA C 128 32.31 16.82 8.09
C ALA C 128 30.82 17.01 7.86
N GLN C 129 30.03 15.94 7.98
CA GLN C 129 28.60 16.04 7.75
C GLN C 129 27.92 16.92 8.80
N TYR C 130 28.36 16.80 10.06
CA TYR C 130 27.71 17.50 11.16
C TYR C 130 28.44 18.78 11.55
N GLY C 131 29.50 19.15 10.84
CA GLY C 131 30.13 20.45 11.03
C GLY C 131 30.92 20.58 12.30
N HIS C 132 31.51 19.49 12.79
CA HIS C 132 32.34 19.53 14.00
C HIS C 132 33.78 19.79 13.57
N MET C 133 34.12 21.08 13.48
CA MET C 133 35.45 21.47 13.02
C MET C 133 36.55 20.91 13.91
N GLU C 134 36.38 21.01 15.23
CA GLU C 134 37.45 20.68 16.15
C GLU C 134 37.61 19.16 16.29
N ILE C 135 36.54 18.40 16.04
CA ILE C 135 36.67 16.96 15.81
C ILE C 135 37.56 16.71 14.60
N VAL C 136 37.33 17.47 13.53
CA VAL C 136 38.07 17.28 12.28
C VAL C 136 39.56 17.51 12.49
N GLU C 137 39.90 18.59 13.23
CA GLU C 137 41.31 18.88 13.46
C GLU C 137 42.01 17.72 14.16
N VAL C 138 41.38 17.16 15.20
CA VAL C 138 42.01 16.08 15.96
C VAL C 138 42.16 14.83 15.09
N LEU C 139 41.10 14.46 14.35
CA LEU C 139 41.17 13.28 13.50
C LEU C 139 42.29 13.42 12.47
N LEU C 140 42.46 14.63 11.92
CA LEU C 140 43.55 14.87 10.99
C LEU C 140 44.90 14.78 11.68
N LYS C 141 45.02 15.32 12.90
CA LYS C 141 46.27 15.18 13.64
C LYS C 141 46.64 13.72 13.88
N TYR C 142 45.67 12.80 13.87
CA TYR C 142 45.91 11.39 14.10
C TYR C 142 45.94 10.57 12.82
N GLY C 143 46.08 11.22 11.66
CA GLY C 143 46.34 10.52 10.42
C GLY C 143 45.13 10.12 9.60
N ALA C 144 44.13 10.99 9.53
CA ALA C 144 42.90 10.67 8.81
C ALA C 144 43.09 10.89 7.31
N ASP C 145 42.70 9.89 6.52
CA ASP C 145 42.82 9.96 5.07
C ASP C 145 41.77 10.93 4.54
N VAL C 146 42.22 12.12 4.14
CA VAL C 146 41.34 13.09 3.50
C VAL C 146 40.85 12.60 2.15
N ASN C 147 41.52 11.61 1.56
CA ASN C 147 41.19 11.11 0.24
C ASN C 147 40.37 9.82 0.29
N ALA C 148 39.96 9.39 1.47
CA ALA C 148 39.12 8.20 1.58
C ALA C 148 37.72 8.50 1.06
N GLN C 149 37.25 7.67 0.13
CA GLN C 149 35.92 7.81 -0.44
C GLN C 149 34.98 6.78 0.15
N ASP C 150 33.74 7.17 0.39
CA ASP C 150 32.73 6.18 0.67
C ASP C 150 32.36 5.45 -0.62
N LYS C 151 31.67 4.33 -0.49
CA LYS C 151 31.37 3.51 -1.66
C LYS C 151 30.50 4.23 -2.69
N PHE C 152 30.03 5.44 -2.39
CA PHE C 152 29.38 6.33 -3.35
C PHE C 152 30.36 7.31 -3.99
N GLY C 153 31.66 7.16 -3.70
CA GLY C 153 32.68 7.94 -4.38
C GLY C 153 32.91 9.34 -3.84
N LYS C 154 32.71 9.56 -2.54
CA LYS C 154 32.76 10.89 -1.98
C LYS C 154 33.73 10.93 -0.79
N THR C 155 34.57 11.95 -0.77
CA THR C 155 35.46 12.22 0.35
C THR C 155 34.78 13.13 1.36
N ALA C 156 35.40 13.26 2.53
CA ALA C 156 34.87 14.16 3.56
C ALA C 156 34.76 15.58 3.04
N PHE C 157 35.67 16.00 2.16
CA PHE C 157 35.54 17.30 1.50
C PHE C 157 34.21 17.40 0.76
N ASP C 158 33.86 16.36 0.00
CA ASP C 158 32.58 16.35 -0.70
C ASP C 158 31.41 16.44 0.27
N ILE C 159 31.49 15.69 1.38
CA ILE C 159 30.39 15.65 2.34
C ILE C 159 30.17 17.03 2.96
N SER C 160 31.26 17.72 3.30
CA SER C 160 31.13 19.05 3.90
C SER C 160 30.53 20.04 2.91
N ILE C 161 30.90 19.95 1.63
CA ILE C 161 30.34 20.83 0.61
C ILE C 161 28.84 20.54 0.45
N ASP C 162 28.49 19.26 0.34
CA ASP C 162 27.10 18.87 0.15
C ASP C 162 26.23 19.27 1.35
N ASN C 163 26.84 19.50 2.51
CA ASN C 163 26.10 19.86 3.71
C ASN C 163 26.19 21.35 4.04
N GLY C 164 26.81 22.15 3.17
CA GLY C 164 26.90 23.57 3.40
C GLY C 164 27.99 24.01 4.34
N ASN C 165 28.86 23.10 4.77
CA ASN C 165 29.98 23.45 5.65
C ASN C 165 31.21 23.79 4.80
N GLU C 166 31.08 24.89 4.05
CA GLU C 166 32.17 25.31 3.18
C GLU C 166 33.37 25.81 3.97
N ASP C 167 33.14 26.38 5.16
CA ASP C 167 34.25 26.78 6.00
C ASP C 167 35.06 25.57 6.46
N LEU C 168 34.41 24.44 6.68
CA LEU C 168 35.11 23.21 7.06
C LEU C 168 35.75 22.50 5.87
N ALA C 169 35.29 22.80 4.65
CA ALA C 169 35.85 22.13 3.49
C ALA C 169 37.28 22.56 3.20
N GLU C 170 37.66 23.77 3.59
CA GLU C 170 39.01 24.25 3.36
C GLU C 170 40.03 23.45 4.16
N ILE C 171 39.63 22.94 5.32
CA ILE C 171 40.52 22.11 6.14
C ILE C 171 40.63 20.69 5.61
N LEU C 172 39.71 20.27 4.75
CA LEU C 172 39.59 18.86 4.38
C LEU C 172 40.35 18.49 3.11
N GLN C 173 40.64 19.44 2.24
CA GLN C 173 41.33 19.13 0.98
C GLN C 173 42.82 18.91 1.21
N GLY D 22 -13.21 -19.53 -30.94
CA GLY D 22 -13.73 -18.50 -31.81
C GLY D 22 -14.21 -17.27 -31.05
N LYS D 23 -14.55 -17.46 -29.78
CA LYS D 23 -15.04 -16.38 -28.92
C LYS D 23 -13.94 -15.80 -28.04
N LYS D 24 -12.68 -15.94 -28.44
CA LYS D 24 -11.59 -15.27 -27.74
C LYS D 24 -11.54 -13.78 -28.04
N LEU D 25 -12.13 -13.35 -29.16
CA LEU D 25 -12.23 -11.92 -29.46
C LEU D 25 -13.19 -11.22 -28.49
N LEU D 26 -14.17 -11.94 -27.98
CA LEU D 26 -15.13 -11.34 -27.01
C LEU D 26 -14.36 -10.93 -25.75
N GLU D 27 -13.57 -11.83 -25.19
CA GLU D 27 -12.76 -11.53 -23.98
C GLU D 27 -11.75 -10.42 -24.28
N ALA D 28 -11.23 -10.37 -25.50
CA ALA D 28 -10.19 -9.38 -25.84
C ALA D 28 -10.82 -8.01 -26.03
N ALA D 29 -12.02 -7.98 -26.63
CA ALA D 29 -12.69 -6.68 -26.74
C ALA D 29 -12.92 -6.05 -25.36
N ARG D 30 -13.35 -6.85 -24.39
CA ARG D 30 -13.49 -6.34 -23.02
C ARG D 30 -12.15 -5.86 -22.47
N ALA D 31 -11.13 -6.69 -22.60
CA ALA D 31 -9.84 -6.40 -21.98
C ALA D 31 -9.15 -5.21 -22.62
N GLY D 32 -9.55 -4.82 -23.83
CA GLY D 32 -8.89 -3.71 -24.48
C GLY D 32 -7.52 -4.04 -25.03
N GLN D 33 -7.25 -5.31 -25.30
CA GLN D 33 -5.99 -5.72 -25.92
C GLN D 33 -6.00 -5.26 -27.36
N ASP D 34 -5.30 -4.15 -27.64
CA ASP D 34 -5.42 -3.47 -28.93
C ASP D 34 -5.01 -4.37 -30.08
N ASP D 35 -3.76 -4.82 -30.07
CA ASP D 35 -3.24 -5.60 -31.19
C ASP D 35 -3.60 -7.07 -31.13
N GLU D 36 -3.93 -7.59 -29.95
CA GLU D 36 -4.51 -8.92 -29.91
C GLU D 36 -5.71 -9.00 -30.86
N VAL D 37 -6.61 -8.02 -30.76
CA VAL D 37 -7.81 -8.00 -31.61
C VAL D 37 -7.43 -8.15 -33.08
N ARG D 38 -6.35 -7.51 -33.51
CA ARG D 38 -6.00 -7.50 -34.92
C ARG D 38 -5.57 -8.89 -35.40
N ILE D 39 -4.72 -9.57 -34.64
CA ILE D 39 -4.32 -10.92 -35.02
C ILE D 39 -5.50 -11.88 -34.93
N LEU D 40 -6.44 -11.62 -34.02
CA LEU D 40 -7.60 -12.49 -33.88
C LEU D 40 -8.56 -12.37 -35.06
N THR D 41 -8.55 -11.24 -35.76
CA THR D 41 -9.37 -11.08 -36.96
C THR D 41 -8.72 -11.68 -38.21
N ALA D 42 -7.38 -11.77 -38.24
CA ALA D 42 -6.68 -12.36 -39.39
C ALA D 42 -7.02 -13.84 -39.54
N ASN D 43 -6.92 -14.59 -38.45
CA ASN D 43 -7.54 -15.88 -38.18
C ASN D 43 -9.08 -15.89 -38.21
N GLY D 44 -9.68 -14.73 -38.45
CA GLY D 44 -11.11 -14.68 -38.74
C GLY D 44 -12.00 -15.07 -37.58
N ALA D 45 -11.68 -14.60 -36.37
CA ALA D 45 -12.61 -14.76 -35.27
C ALA D 45 -13.91 -14.04 -35.59
N ASP D 46 -15.04 -14.69 -35.32
CA ASP D 46 -16.33 -14.13 -35.66
C ASP D 46 -16.52 -12.77 -35.02
N VAL D 47 -16.72 -11.75 -35.85
CA VAL D 47 -16.97 -10.40 -35.35
C VAL D 47 -18.41 -10.21 -34.88
N ASN D 48 -19.25 -11.22 -35.05
CA ASN D 48 -20.62 -11.20 -34.54
C ASN D 48 -20.86 -12.33 -33.55
N ALA D 49 -19.84 -12.66 -32.76
CA ALA D 49 -20.03 -13.61 -31.67
C ALA D 49 -20.80 -12.94 -30.53
N ASN D 50 -21.65 -13.73 -29.87
CA ASN D 50 -22.58 -13.22 -28.87
C ASN D 50 -22.22 -13.74 -27.49
N ASP D 51 -22.28 -12.86 -26.49
CA ASP D 51 -22.03 -13.26 -25.11
C ASP D 51 -23.34 -13.67 -24.44
N TYR D 52 -23.35 -13.74 -23.11
CA TYR D 52 -24.57 -14.03 -22.37
C TYR D 52 -25.63 -12.98 -22.63
N TRP D 53 -25.22 -11.74 -22.93
CA TRP D 53 -26.12 -10.64 -23.25
C TRP D 53 -26.22 -10.39 -24.75
N GLY D 54 -25.99 -11.43 -25.56
CA GLY D 54 -26.20 -11.38 -27.00
C GLY D 54 -25.50 -10.23 -27.67
N HIS D 55 -24.47 -9.70 -27.02
CA HIS D 55 -23.77 -8.52 -27.49
C HIS D 55 -22.46 -8.95 -28.16
N THR D 56 -22.12 -8.23 -29.22
CA THR D 56 -20.94 -8.53 -30.03
C THR D 56 -19.72 -7.86 -29.43
N PRO D 57 -18.52 -8.21 -29.90
CA PRO D 57 -17.33 -7.47 -29.46
C PRO D 57 -17.41 -5.97 -29.76
N LEU D 58 -18.24 -5.55 -30.73
CA LEU D 58 -18.42 -4.14 -30.99
C LEU D 58 -19.17 -3.45 -29.86
N HIS D 59 -20.25 -4.08 -29.37
CA HIS D 59 -20.94 -3.58 -28.18
C HIS D 59 -19.97 -3.35 -27.05
N LEU D 60 -19.17 -4.38 -26.75
CA LEU D 60 -18.31 -4.37 -25.58
C LEU D 60 -17.25 -3.27 -25.69
N ALA D 61 -16.61 -3.17 -26.86
CA ALA D 61 -15.62 -2.11 -27.05
C ALA D 61 -16.27 -0.74 -27.02
N ALA D 62 -17.48 -0.61 -27.57
CA ALA D 62 -18.21 0.65 -27.46
C ALA D 62 -18.60 0.93 -26.03
N MET D 63 -19.07 -0.10 -25.31
CA MET D 63 -19.43 0.07 -23.90
C MET D 63 -18.22 0.51 -23.08
N LEU D 64 -17.08 -0.15 -23.28
CA LEU D 64 -15.95 0.08 -22.38
C LEU D 64 -15.00 1.16 -22.91
N GLY D 65 -15.32 1.79 -24.04
CA GLY D 65 -14.56 2.94 -24.49
C GLY D 65 -13.28 2.65 -25.23
N HIS D 66 -13.18 1.50 -25.90
CA HIS D 66 -11.98 1.12 -26.65
C HIS D 66 -12.24 1.45 -28.13
N LEU D 67 -11.84 2.66 -28.54
CA LEU D 67 -12.24 3.19 -29.84
C LEU D 67 -11.47 2.56 -30.98
N GLU D 68 -10.14 2.45 -30.87
CA GLU D 68 -9.37 1.76 -31.92
C GLU D 68 -9.97 0.41 -32.21
N ILE D 69 -10.33 -0.32 -31.16
CA ILE D 69 -10.89 -1.63 -31.33
C ILE D 69 -12.19 -1.54 -32.13
N VAL D 70 -13.14 -0.67 -31.74
CA VAL D 70 -14.42 -0.62 -32.49
C VAL D 70 -14.14 -0.40 -33.97
N GLU D 71 -13.09 0.36 -34.32
CA GLU D 71 -12.82 0.65 -35.73
C GLU D 71 -12.31 -0.57 -36.48
N VAL D 72 -11.42 -1.35 -35.87
CA VAL D 72 -10.93 -2.55 -36.55
C VAL D 72 -12.06 -3.57 -36.69
N LEU D 73 -12.98 -3.62 -35.71
CA LEU D 73 -14.15 -4.47 -35.88
C LEU D 73 -15.05 -3.93 -36.96
N LEU D 74 -15.13 -2.60 -37.08
CA LEU D 74 -15.86 -1.97 -38.19
C LEU D 74 -15.18 -2.25 -39.52
N LYS D 75 -13.85 -2.14 -39.56
CA LYS D 75 -13.11 -2.41 -40.80
C LYS D 75 -13.29 -3.85 -41.23
N ASN D 76 -13.35 -4.78 -40.26
CA ASN D 76 -13.54 -6.19 -40.55
C ASN D 76 -15.00 -6.56 -40.76
N GLY D 77 -15.89 -5.57 -40.80
CA GLY D 77 -17.25 -5.78 -41.24
C GLY D 77 -18.25 -6.19 -40.18
N ALA D 78 -18.11 -5.66 -38.97
CA ALA D 78 -19.08 -5.95 -37.91
C ALA D 78 -20.30 -5.05 -38.06
N ASP D 79 -21.48 -5.60 -37.77
CA ASP D 79 -22.72 -4.86 -37.92
C ASP D 79 -22.79 -3.76 -36.85
N VAL D 80 -22.81 -2.50 -37.31
CA VAL D 80 -22.94 -1.37 -36.39
C VAL D 80 -24.29 -1.37 -35.70
N ASN D 81 -25.31 -1.95 -36.34
CA ASN D 81 -26.66 -1.98 -35.81
C ASN D 81 -27.02 -3.33 -35.20
N ALA D 82 -26.01 -4.09 -34.78
CA ALA D 82 -26.24 -5.38 -34.13
C ALA D 82 -27.04 -5.20 -32.85
N THR D 83 -27.92 -6.16 -32.58
CA THR D 83 -28.85 -6.08 -31.46
C THR D 83 -28.62 -7.23 -30.51
N GLY D 84 -28.61 -6.93 -29.21
CA GLY D 84 -28.53 -7.93 -28.19
C GLY D 84 -29.90 -8.49 -27.83
N ASN D 85 -29.89 -9.29 -26.77
CA ASN D 85 -31.10 -9.86 -26.17
C ASN D 85 -32.10 -8.78 -25.81
N THR D 86 -31.57 -7.65 -25.35
CA THR D 86 -32.35 -6.54 -24.80
C THR D 86 -32.70 -5.50 -25.85
N GLY D 87 -32.36 -5.76 -27.11
CA GLY D 87 -32.61 -4.83 -28.19
C GLY D 87 -31.63 -3.69 -28.28
N ARG D 88 -30.53 -3.74 -27.52
CA ARG D 88 -29.61 -2.62 -27.44
C ARG D 88 -28.50 -2.77 -28.48
N THR D 89 -28.24 -1.69 -29.19
CA THR D 89 -27.19 -1.63 -30.20
C THR D 89 -25.90 -1.13 -29.58
N PRO D 90 -24.79 -1.16 -30.32
CA PRO D 90 -23.58 -0.47 -29.84
C PRO D 90 -23.82 0.99 -29.49
N LEU D 91 -24.76 1.65 -30.18
CA LEU D 91 -25.08 3.04 -29.87
C LEU D 91 -25.67 3.16 -28.47
N HIS D 92 -26.58 2.24 -28.12
CA HIS D 92 -27.16 2.23 -26.77
C HIS D 92 -26.07 2.16 -25.70
N LEU D 93 -25.20 1.15 -25.82
CA LEU D 93 -24.19 0.94 -24.78
C LEU D 93 -23.17 2.07 -24.74
N ALA D 94 -22.84 2.67 -25.90
CA ALA D 94 -21.94 3.82 -25.89
C ALA D 94 -22.60 5.04 -25.29
N ALA D 95 -23.91 5.20 -25.47
CA ALA D 95 -24.62 6.31 -24.84
C ALA D 95 -24.73 6.09 -23.33
N TRP D 96 -25.07 4.87 -22.91
CA TRP D 96 -25.13 4.55 -21.49
C TRP D 96 -23.82 4.83 -20.79
N ALA D 97 -22.69 4.58 -21.47
CA ALA D 97 -21.38 4.75 -20.88
C ALA D 97 -20.78 6.14 -21.13
N ASP D 98 -21.52 7.05 -21.76
CA ASP D 98 -21.09 8.44 -21.96
C ASP D 98 -19.77 8.55 -22.71
N HIS D 99 -19.50 7.64 -23.64
CA HIS D 99 -18.31 7.70 -24.50
C HIS D 99 -18.68 8.47 -25.74
N LEU D 100 -18.38 9.77 -25.77
CA LEU D 100 -19.06 10.64 -26.72
C LEU D 100 -18.55 10.37 -28.12
N GLU D 101 -17.24 10.20 -28.24
CA GLU D 101 -16.61 10.01 -29.55
C GLU D 101 -17.09 8.73 -30.21
N ILE D 102 -17.13 7.61 -29.47
CA ILE D 102 -17.59 6.36 -30.09
C ILE D 102 -18.98 6.53 -30.68
N VAL D 103 -19.84 7.31 -30.03
CA VAL D 103 -21.17 7.56 -30.59
C VAL D 103 -21.04 8.23 -31.96
N GLU D 104 -20.19 9.25 -32.06
CA GLU D 104 -19.97 9.92 -33.34
C GLU D 104 -19.46 8.95 -34.40
N VAL D 105 -18.48 8.12 -34.03
CA VAL D 105 -17.87 7.21 -34.99
C VAL D 105 -18.90 6.21 -35.52
N LEU D 106 -19.65 5.58 -34.61
CA LEU D 106 -20.70 4.65 -35.04
C LEU D 106 -21.74 5.37 -35.90
N LEU D 107 -22.02 6.63 -35.58
CA LEU D 107 -22.94 7.41 -36.41
C LEU D 107 -22.35 7.68 -37.79
N LYS D 108 -21.08 8.10 -37.82
CA LYS D 108 -20.41 8.32 -39.09
C LYS D 108 -20.41 7.06 -39.95
N HIS D 109 -20.25 5.90 -39.32
CA HIS D 109 -20.34 4.62 -40.02
C HIS D 109 -21.77 4.11 -40.10
N GLY D 110 -22.74 4.86 -39.60
CA GLY D 110 -24.15 4.64 -39.90
C GLY D 110 -24.92 3.73 -38.95
N ALA D 111 -25.63 4.34 -37.98
CA ALA D 111 -26.41 3.60 -37.01
C ALA D 111 -27.82 4.19 -36.93
N ASP D 112 -28.78 3.33 -36.58
CA ASP D 112 -30.19 3.72 -36.47
C ASP D 112 -30.39 4.42 -35.13
N VAL D 113 -30.39 5.76 -35.16
CA VAL D 113 -30.55 6.53 -33.94
C VAL D 113 -31.93 6.36 -33.34
N ASN D 114 -32.93 6.01 -34.14
CA ASN D 114 -34.28 5.79 -33.66
C ASN D 114 -34.51 4.37 -33.18
N ALA D 115 -33.48 3.53 -33.17
CA ALA D 115 -33.62 2.15 -32.74
C ALA D 115 -34.01 2.10 -31.27
N GLN D 116 -35.12 1.42 -30.98
CA GLN D 116 -35.59 1.25 -29.62
C GLN D 116 -35.14 -0.10 -29.08
N ASP D 117 -35.37 -0.32 -27.80
CA ASP D 117 -35.02 -1.58 -27.17
C ASP D 117 -36.28 -2.23 -26.60
N LYS D 118 -36.07 -3.37 -25.94
CA LYS D 118 -37.21 -4.07 -25.36
C LYS D 118 -37.96 -3.20 -24.37
N PHE D 119 -37.31 -2.19 -23.77
CA PHE D 119 -38.06 -1.49 -22.75
C PHE D 119 -38.55 -0.17 -23.32
N GLY D 120 -38.32 0.00 -24.62
CA GLY D 120 -38.88 1.17 -25.34
C GLY D 120 -37.97 2.35 -25.42
N LYS D 121 -36.66 2.16 -25.27
CA LYS D 121 -35.78 3.34 -25.16
C LYS D 121 -34.79 3.43 -26.31
N THR D 122 -34.44 4.65 -26.65
CA THR D 122 -33.47 4.90 -27.72
C THR D 122 -32.23 5.43 -27.03
N ALA D 123 -31.17 5.61 -27.77
CA ALA D 123 -29.94 6.18 -27.21
C ALA D 123 -30.18 7.60 -26.70
N PHE D 124 -31.10 8.34 -27.33
CA PHE D 124 -31.43 9.67 -26.85
C PHE D 124 -32.19 9.60 -25.53
N ASP D 125 -33.13 8.66 -25.40
CA ASP D 125 -33.85 8.50 -24.14
C ASP D 125 -32.90 8.16 -23.01
N ILE D 126 -31.88 7.33 -23.28
CA ILE D 126 -30.87 7.03 -22.28
C ILE D 126 -30.11 8.28 -21.88
N SER D 127 -29.75 9.11 -22.86
CA SER D 127 -29.01 10.34 -22.56
C SER D 127 -29.84 11.27 -21.69
N ILE D 128 -31.16 11.29 -21.88
CA ILE D 128 -32.02 12.12 -21.05
C ILE D 128 -32.10 11.56 -19.63
N ASP D 129 -32.18 10.22 -19.52
CA ASP D 129 -32.27 9.59 -18.20
C ASP D 129 -30.99 9.78 -17.40
N ASN D 130 -29.84 9.77 -18.07
CA ASN D 130 -28.56 9.94 -17.42
C ASN D 130 -28.11 11.40 -17.37
N GLY D 131 -28.82 12.29 -18.06
CA GLY D 131 -28.54 13.71 -17.92
C GLY D 131 -27.33 14.23 -18.67
N ASN D 132 -26.97 13.61 -19.78
CA ASN D 132 -25.84 14.09 -20.59
C ASN D 132 -26.40 14.92 -21.75
N GLU D 133 -26.47 16.23 -21.55
CA GLU D 133 -26.94 17.11 -22.61
C GLU D 133 -25.96 17.18 -23.76
N ASP D 134 -24.65 17.09 -23.47
CA ASP D 134 -23.68 17.08 -24.55
C ASP D 134 -23.90 15.90 -25.49
N LEU D 135 -24.20 14.73 -24.94
CA LEU D 135 -24.52 13.58 -25.77
C LEU D 135 -25.83 13.79 -26.52
N ALA D 136 -26.86 14.30 -25.84
CA ALA D 136 -28.15 14.54 -26.49
C ALA D 136 -28.04 15.51 -27.65
N GLU D 137 -27.13 16.48 -27.55
CA GLU D 137 -26.94 17.45 -28.63
C GLU D 137 -26.27 16.80 -29.83
N ILE D 138 -25.31 15.90 -29.59
CA ILE D 138 -24.72 15.14 -30.69
C ILE D 138 -25.77 14.26 -31.37
N LEU D 139 -26.71 13.72 -30.60
CA LEU D 139 -27.67 12.77 -31.16
C LEU D 139 -28.75 13.44 -31.99
N GLN D 140 -29.29 14.57 -31.52
CA GLN D 140 -30.33 15.22 -32.29
C GLN D 140 -29.82 16.00 -33.48
N LYS D 141 -28.53 16.33 -33.50
CA LYS D 141 -28.06 16.84 -34.78
C LYS D 141 -27.73 15.72 -35.75
N ASP E 20 4.06 -37.96 -8.42
CA ASP E 20 3.81 -39.39 -8.49
C ASP E 20 2.80 -39.70 -9.59
N LEU E 21 2.23 -40.91 -9.55
CA LEU E 21 1.11 -41.22 -10.42
C LEU E 21 -0.13 -40.43 -10.02
N GLY E 22 -0.26 -40.09 -8.74
CA GLY E 22 -1.44 -39.38 -8.27
C GLY E 22 -1.60 -38.02 -8.92
N LYS E 23 -0.49 -37.36 -9.26
CA LYS E 23 -0.56 -36.06 -9.93
C LYS E 23 -1.24 -36.18 -11.28
N LYS E 24 -0.76 -37.10 -12.13
CA LYS E 24 -1.35 -37.25 -13.46
C LYS E 24 -2.78 -37.74 -13.40
N LEU E 25 -3.13 -38.54 -12.38
CA LEU E 25 -4.53 -38.90 -12.17
C LEU E 25 -5.38 -37.66 -11.94
N LEU E 26 -4.92 -36.76 -11.08
CA LEU E 26 -5.61 -35.49 -10.86
C LEU E 26 -5.73 -34.71 -12.16
N GLU E 27 -4.63 -34.59 -12.89
CA GLU E 27 -4.66 -33.87 -14.17
C GLU E 27 -5.54 -34.58 -15.18
N ALA E 28 -5.50 -35.92 -15.20
CA ALA E 28 -6.35 -36.67 -16.12
C ALA E 28 -7.82 -36.47 -15.80
N ALA E 29 -8.19 -36.56 -14.52
CA ALA E 29 -9.59 -36.43 -14.13
C ALA E 29 -10.12 -35.03 -14.44
N ARG E 30 -9.29 -34.01 -14.27
CA ARG E 30 -9.72 -32.65 -14.58
C ARG E 30 -9.88 -32.47 -16.08
N ALA E 31 -8.88 -32.88 -16.86
CA ALA E 31 -8.94 -32.68 -18.31
C ALA E 31 -10.09 -33.45 -18.94
N GLY E 32 -10.46 -34.59 -18.36
CA GLY E 32 -11.48 -35.44 -18.93
C GLY E 32 -10.96 -36.65 -19.66
N GLN E 33 -9.67 -36.95 -19.54
CA GLN E 33 -9.07 -38.08 -20.23
C GLN E 33 -9.52 -39.39 -19.58
N ASP E 34 -10.63 -39.94 -20.09
CA ASP E 34 -11.25 -41.10 -19.47
C ASP E 34 -10.33 -42.32 -19.50
N ASP E 35 -9.77 -42.63 -20.67
CA ASP E 35 -8.91 -43.80 -20.79
C ASP E 35 -7.64 -43.64 -19.96
N GLU E 36 -7.09 -42.42 -19.91
CA GLU E 36 -5.88 -42.21 -19.11
C GLU E 36 -6.14 -42.39 -17.63
N VAL E 37 -7.33 -41.99 -17.15
CA VAL E 37 -7.69 -42.26 -15.76
C VAL E 37 -7.66 -43.76 -15.48
N ARG E 38 -8.28 -44.54 -16.36
CA ARG E 38 -8.28 -45.99 -16.19
C ARG E 38 -6.86 -46.55 -16.27
N ILE E 39 -6.06 -46.07 -17.22
CA ILE E 39 -4.68 -46.55 -17.34
C ILE E 39 -3.89 -46.22 -16.09
N LEU E 40 -4.06 -45.01 -15.56
CA LEU E 40 -3.32 -44.61 -14.37
C LEU E 40 -3.79 -45.39 -13.14
N MET E 41 -5.10 -45.61 -13.03
CA MET E 41 -5.62 -46.36 -11.89
C MET E 41 -5.15 -47.82 -11.92
N ALA E 42 -5.11 -48.42 -13.11
CA ALA E 42 -4.58 -49.77 -13.24
C ALA E 42 -3.12 -49.83 -12.82
N ASN E 43 -2.36 -48.78 -13.11
CA ASN E 43 -0.94 -48.73 -12.78
C ASN E 43 -0.67 -48.41 -11.32
N GLY E 44 -1.71 -48.33 -10.48
CA GLY E 44 -1.54 -48.15 -9.05
C GLY E 44 -1.82 -46.76 -8.53
N ALA E 45 -2.27 -45.83 -9.37
CA ALA E 45 -2.52 -44.47 -8.92
C ALA E 45 -3.57 -44.45 -7.82
N ASP E 46 -3.37 -43.57 -6.84
CA ASP E 46 -4.22 -43.48 -5.67
C ASP E 46 -5.53 -42.80 -6.04
N VAL E 47 -6.64 -43.52 -5.92
CA VAL E 47 -7.95 -42.97 -6.28
C VAL E 47 -8.33 -41.80 -5.37
N ASN E 48 -7.72 -41.69 -4.19
CA ASN E 48 -7.98 -40.59 -3.27
C ASN E 48 -6.73 -39.72 -3.09
N ALA E 49 -5.97 -39.53 -4.17
CA ALA E 49 -4.83 -38.64 -4.12
C ALA E 49 -5.31 -37.19 -4.05
N ILE E 50 -4.53 -36.36 -3.35
CA ILE E 50 -4.91 -34.97 -3.14
C ILE E 50 -3.79 -34.06 -3.62
N ASP E 51 -4.15 -32.84 -4.01
CA ASP E 51 -3.18 -31.82 -4.31
C ASP E 51 -2.95 -30.99 -3.05
N HIS E 52 -2.53 -29.74 -3.18
CA HIS E 52 -2.20 -28.93 -1.97
C HIS E 52 -3.43 -28.44 -1.23
N ASN E 53 -4.60 -28.41 -1.86
CA ASN E 53 -5.85 -27.92 -1.22
C ASN E 53 -6.76 -29.07 -0.82
N GLY E 54 -6.29 -30.30 -0.90
CA GLY E 54 -7.07 -31.47 -0.49
C GLY E 54 -8.01 -31.90 -1.57
N THR E 55 -7.78 -31.43 -2.79
CA THR E 55 -8.68 -31.74 -3.88
C THR E 55 -8.38 -33.13 -4.41
N THR E 56 -9.42 -33.96 -4.51
CA THR E 56 -9.28 -35.32 -5.01
C THR E 56 -9.69 -35.38 -6.47
N PRO E 57 -9.32 -36.45 -7.20
CA PRO E 57 -9.78 -36.58 -8.59
C PRO E 57 -11.30 -36.60 -8.72
N LEU E 58 -12.00 -37.12 -7.71
CA LEU E 58 -13.46 -37.08 -7.72
C LEU E 58 -13.97 -35.65 -7.65
N HIS E 59 -13.29 -34.79 -6.88
CA HIS E 59 -13.64 -33.37 -6.85
C HIS E 59 -13.52 -32.77 -8.25
N LEU E 60 -12.37 -32.98 -8.90
CA LEU E 60 -12.12 -32.36 -10.19
C LEU E 60 -13.07 -32.89 -11.26
N ALA E 61 -13.30 -34.21 -11.28
CA ALA E 61 -14.20 -34.78 -12.27
C ALA E 61 -15.63 -34.29 -12.07
N ALA E 62 -16.06 -34.15 -10.81
CA ALA E 62 -17.39 -33.61 -10.54
C ALA E 62 -17.48 -32.13 -10.90
N TYR E 63 -16.39 -31.39 -10.70
CA TYR E 63 -16.40 -29.97 -11.04
C TYR E 63 -16.38 -29.77 -12.55
N ALA E 64 -15.54 -30.52 -13.26
CA ALA E 64 -15.42 -30.36 -14.70
C ALA E 64 -16.57 -30.99 -15.47
N GLY E 65 -17.34 -31.88 -14.84
CA GLY E 65 -18.51 -32.44 -15.46
C GLY E 65 -18.29 -33.74 -16.22
N HIS E 66 -17.35 -34.57 -15.76
CA HIS E 66 -17.02 -35.81 -16.46
C HIS E 66 -17.69 -36.94 -15.70
N LEU E 67 -18.96 -37.20 -16.05
CA LEU E 67 -19.73 -38.24 -15.39
C LEU E 67 -19.02 -39.59 -15.45
N GLU E 68 -18.22 -39.82 -16.47
CA GLU E 68 -17.91 -41.20 -16.75
C GLU E 68 -16.63 -41.57 -16.01
N ILE E 69 -15.81 -40.56 -15.71
CA ILE E 69 -14.71 -40.67 -14.74
C ILE E 69 -15.25 -40.68 -13.31
N VAL E 70 -16.29 -39.89 -13.04
CA VAL E 70 -16.91 -39.87 -11.72
C VAL E 70 -17.33 -41.28 -11.32
N GLU E 71 -17.96 -42.00 -12.25
CA GLU E 71 -18.39 -43.36 -11.97
C GLU E 71 -17.22 -44.30 -11.80
N VAL E 72 -16.16 -44.14 -12.62
CA VAL E 72 -14.99 -45.01 -12.53
C VAL E 72 -14.33 -44.85 -11.16
N LEU E 73 -14.16 -43.61 -10.72
CA LEU E 73 -13.54 -43.38 -9.42
C LEU E 73 -14.42 -43.90 -8.29
N LEU E 74 -15.73 -43.66 -8.38
CA LEU E 74 -16.62 -44.07 -7.31
C LEU E 74 -16.69 -45.59 -7.16
N LYS E 75 -16.66 -46.32 -8.28
CA LYS E 75 -16.72 -47.78 -8.18
C LYS E 75 -15.42 -48.35 -7.61
N HIS E 76 -14.33 -47.60 -7.71
CA HIS E 76 -13.01 -48.07 -7.31
C HIS E 76 -12.55 -47.42 -6.01
N GLY E 77 -13.48 -47.12 -5.11
CA GLY E 77 -13.11 -46.73 -3.76
C GLY E 77 -12.85 -45.26 -3.53
N ALA E 78 -13.23 -44.39 -4.46
CA ALA E 78 -13.08 -42.96 -4.21
C ALA E 78 -14.07 -42.51 -3.15
N ASP E 79 -13.57 -41.76 -2.17
CA ASP E 79 -14.41 -41.25 -1.09
C ASP E 79 -15.39 -40.22 -1.66
N VAL E 80 -16.68 -40.56 -1.66
CA VAL E 80 -17.70 -39.67 -2.21
C VAL E 80 -17.86 -38.41 -1.36
N ASN E 81 -17.52 -38.47 -0.08
CA ASN E 81 -17.68 -37.34 0.83
C ASN E 81 -16.34 -36.71 1.21
N ALA E 82 -15.31 -36.91 0.39
CA ALA E 82 -14.03 -36.25 0.62
C ALA E 82 -14.23 -34.74 0.63
N ARG E 83 -13.47 -34.06 1.49
CA ARG E 83 -13.58 -32.62 1.63
C ARG E 83 -12.23 -31.99 1.35
N ASP E 84 -12.22 -30.91 0.57
CA ASP E 84 -11.01 -30.13 0.41
C ASP E 84 -10.80 -29.24 1.64
N LEU E 85 -9.73 -28.46 1.63
CA LEU E 85 -9.41 -27.64 2.80
C LEU E 85 -10.49 -26.59 3.08
N ARG E 86 -11.36 -26.30 2.12
CA ARG E 86 -12.47 -25.40 2.38
C ARG E 86 -13.65 -26.10 3.04
N GLY E 87 -13.81 -27.40 2.82
CA GLY E 87 -14.98 -28.14 3.27
C GLY E 87 -15.92 -28.58 2.16
N PHE E 88 -15.59 -28.30 0.91
CA PHE E 88 -16.22 -28.82 -0.28
C PHE E 88 -16.15 -30.33 -0.46
N THR E 89 -17.31 -30.98 -0.50
CA THR E 89 -17.44 -32.31 -1.04
C THR E 89 -17.64 -32.23 -2.54
N PRO E 90 -17.40 -33.32 -3.28
CA PRO E 90 -17.67 -33.29 -4.72
C PRO E 90 -19.09 -32.82 -5.07
N LEU E 91 -20.07 -33.13 -4.22
CA LEU E 91 -21.44 -32.71 -4.48
C LEU E 91 -21.55 -31.18 -4.52
N HIS E 92 -20.78 -30.49 -3.69
CA HIS E 92 -20.74 -29.03 -3.75
C HIS E 92 -20.35 -28.57 -5.14
N LEU E 93 -19.25 -29.09 -5.68
CA LEU E 93 -18.75 -28.64 -6.97
C LEU E 93 -19.70 -29.03 -8.10
N ALA E 94 -20.34 -30.18 -7.99
CA ALA E 94 -21.30 -30.59 -9.01
C ALA E 94 -22.50 -29.65 -9.04
N ALA E 95 -22.94 -29.16 -7.88
CA ALA E 95 -24.06 -28.24 -7.82
C ALA E 95 -23.68 -26.87 -8.38
N ILE E 96 -22.45 -26.44 -8.14
CA ILE E 96 -21.96 -25.19 -8.69
C ILE E 96 -21.96 -25.22 -10.21
N ASP E 97 -21.31 -26.21 -10.80
CA ASP E 97 -21.21 -26.25 -12.25
C ASP E 97 -22.43 -26.87 -12.93
N GLY E 98 -23.48 -27.16 -12.16
CA GLY E 98 -24.75 -27.58 -12.73
C GLY E 98 -24.74 -28.88 -13.51
N HIS E 99 -24.11 -29.92 -12.95
CA HIS E 99 -24.02 -31.22 -13.60
C HIS E 99 -25.04 -32.15 -12.94
N LEU E 100 -26.22 -32.24 -13.56
CA LEU E 100 -27.37 -32.87 -12.91
C LEU E 100 -27.16 -34.36 -12.67
N GLU E 101 -26.59 -35.07 -13.66
CA GLU E 101 -26.43 -36.51 -13.54
C GLU E 101 -25.33 -36.86 -12.55
N ILE E 102 -24.29 -36.04 -12.47
CA ILE E 102 -23.25 -36.25 -11.46
C ILE E 102 -23.83 -36.07 -10.07
N VAL E 103 -24.73 -35.10 -9.90
CA VAL E 103 -25.40 -34.92 -8.62
C VAL E 103 -26.15 -36.18 -8.22
N GLU E 104 -26.84 -36.80 -9.17
CA GLU E 104 -27.58 -38.02 -8.88
C GLU E 104 -26.66 -39.16 -8.50
N VAL E 105 -25.64 -39.42 -9.32
CA VAL E 105 -24.74 -40.54 -9.08
C VAL E 105 -24.00 -40.37 -7.75
N LEU E 106 -23.59 -39.13 -7.45
CA LEU E 106 -22.95 -38.87 -6.16
C LEU E 106 -23.90 -39.20 -5.01
N LEU E 107 -25.17 -38.81 -5.15
CA LEU E 107 -26.14 -39.11 -4.09
C LEU E 107 -26.43 -40.60 -3.99
N LYS E 108 -26.50 -41.30 -5.12
CA LYS E 108 -26.76 -42.73 -5.09
C LYS E 108 -25.61 -43.49 -4.45
N TYR E 109 -24.41 -42.92 -4.48
CA TYR E 109 -23.25 -43.53 -3.87
C TYR E 109 -23.04 -43.07 -2.43
N GLY E 110 -24.02 -42.38 -1.85
CA GLY E 110 -23.97 -42.03 -0.45
C GLY E 110 -23.42 -40.65 -0.13
N ALA E 111 -23.47 -39.71 -1.05
CA ALA E 111 -22.99 -38.36 -0.77
C ALA E 111 -23.87 -37.70 0.28
N ASP E 112 -23.22 -37.09 1.29
CA ASP E 112 -23.93 -36.30 2.28
C ASP E 112 -24.60 -35.12 1.59
N VAL E 113 -25.92 -35.18 1.47
CA VAL E 113 -26.65 -34.11 0.78
C VAL E 113 -26.64 -32.82 1.61
N ASN E 114 -26.40 -32.91 2.91
CA ASN E 114 -26.39 -31.77 3.81
C ASN E 114 -24.97 -31.42 4.28
N ALA E 115 -23.97 -31.77 3.48
CA ALA E 115 -22.59 -31.52 3.87
C ALA E 115 -22.31 -30.02 3.93
N ASP E 116 -21.58 -29.62 4.97
CA ASP E 116 -21.23 -28.22 5.20
C ASP E 116 -19.75 -27.99 4.89
N ASP E 117 -19.45 -26.83 4.31
CA ASP E 117 -18.07 -26.39 4.23
C ASP E 117 -17.75 -25.59 5.50
N ASP E 118 -16.54 -25.03 5.57
CA ASP E 118 -16.13 -24.32 6.77
C ASP E 118 -17.06 -23.17 7.13
N TYR E 119 -17.84 -22.68 6.17
CA TYR E 119 -18.75 -21.55 6.39
C TYR E 119 -20.21 -21.98 6.44
N GLY E 120 -20.47 -23.28 6.59
CA GLY E 120 -21.83 -23.76 6.65
C GLY E 120 -22.56 -23.80 5.33
N THR E 121 -21.84 -23.73 4.22
CA THR E 121 -22.46 -23.74 2.90
C THR E 121 -22.80 -25.17 2.50
N THR E 122 -24.07 -25.42 2.20
CA THR E 122 -24.57 -26.71 1.73
C THR E 122 -24.68 -26.72 0.21
N PRO E 123 -24.74 -27.90 -0.41
CA PRO E 123 -24.98 -27.94 -1.86
C PRO E 123 -26.27 -27.24 -2.28
N LEU E 124 -27.27 -27.19 -1.39
CA LEU E 124 -28.49 -26.46 -1.71
C LEU E 124 -28.22 -24.96 -1.82
N HIS E 125 -27.34 -24.43 -0.98
CA HIS E 125 -26.96 -23.02 -1.06
C HIS E 125 -26.39 -22.70 -2.44
N LEU E 126 -25.42 -23.50 -2.88
CA LEU E 126 -24.71 -23.20 -4.13
C LEU E 126 -25.63 -23.34 -5.34
N ALA E 127 -26.44 -24.39 -5.37
CA ALA E 127 -27.40 -24.54 -6.47
C ALA E 127 -28.35 -23.35 -6.52
N ALA E 128 -28.70 -22.79 -5.36
CA ALA E 128 -29.53 -21.60 -5.35
C ALA E 128 -28.76 -20.38 -5.86
N GLN E 129 -27.46 -20.31 -5.56
CA GLN E 129 -26.67 -19.16 -5.99
C GLN E 129 -26.56 -19.08 -7.50
N TYR E 130 -26.45 -20.22 -8.17
CA TYR E 130 -26.25 -20.27 -9.61
C TYR E 130 -27.52 -20.61 -10.37
N GLY E 131 -28.66 -20.65 -9.69
CA GLY E 131 -29.94 -20.83 -10.34
C GLY E 131 -30.10 -22.12 -11.10
N HIS E 132 -29.93 -23.26 -10.41
CA HIS E 132 -30.07 -24.58 -11.00
C HIS E 132 -31.29 -25.24 -10.35
N MET E 133 -32.48 -25.04 -10.93
CA MET E 133 -33.74 -25.55 -10.34
C MET E 133 -33.77 -27.07 -10.37
N GLU E 134 -33.28 -27.63 -11.46
CA GLU E 134 -33.28 -29.09 -11.62
C GLU E 134 -32.44 -29.74 -10.53
N ILE E 135 -31.33 -29.11 -10.14
CA ILE E 135 -30.42 -29.64 -9.09
C ILE E 135 -31.04 -29.47 -7.70
N VAL E 136 -31.70 -28.36 -7.44
CA VAL E 136 -32.25 -28.15 -6.10
C VAL E 136 -33.36 -29.15 -5.82
N GLU E 137 -34.17 -29.52 -6.84
CA GLU E 137 -35.24 -30.47 -6.56
C GLU E 137 -34.73 -31.90 -6.46
N VAL E 138 -33.62 -32.22 -7.12
CA VAL E 138 -32.97 -33.51 -6.87
C VAL E 138 -32.42 -33.54 -5.44
N LEU E 139 -31.74 -32.47 -5.04
CA LEU E 139 -31.26 -32.37 -3.66
C LEU E 139 -32.41 -32.43 -2.67
N LEU E 140 -33.51 -31.71 -2.96
CA LEU E 140 -34.69 -31.77 -2.11
C LEU E 140 -35.24 -33.18 -2.03
N LYS E 141 -35.30 -33.87 -3.16
CA LYS E 141 -35.77 -35.26 -3.18
C LYS E 141 -34.94 -36.14 -2.26
N TYR E 142 -33.62 -35.88 -2.20
CA TYR E 142 -32.72 -36.67 -1.38
C TYR E 142 -32.57 -36.13 0.04
N GLY E 143 -33.49 -35.27 0.48
CA GLY E 143 -33.50 -34.82 1.85
C GLY E 143 -32.66 -33.61 2.17
N ALA E 144 -32.51 -32.68 1.22
CA ALA E 144 -31.77 -31.46 1.48
C ALA E 144 -32.55 -30.57 2.44
N ASP E 145 -31.90 -30.13 3.52
CA ASP E 145 -32.56 -29.34 4.54
C ASP E 145 -32.80 -27.92 4.02
N VAL E 146 -34.08 -27.58 3.81
CA VAL E 146 -34.44 -26.24 3.37
C VAL E 146 -34.04 -25.17 4.39
N ASN E 147 -33.94 -25.54 5.67
CA ASN E 147 -33.63 -24.61 6.74
C ASN E 147 -32.14 -24.50 7.03
N ALA E 148 -31.29 -25.21 6.28
CA ALA E 148 -29.86 -25.17 6.53
C ALA E 148 -29.33 -23.74 6.42
N GLN E 149 -28.61 -23.32 7.45
CA GLN E 149 -28.12 -21.95 7.57
C GLN E 149 -26.60 -21.95 7.51
N ASP E 150 -26.05 -21.13 6.61
CA ASP E 150 -24.61 -20.91 6.66
C ASP E 150 -24.27 -20.09 7.90
N LYS E 151 -22.97 -19.99 8.19
CA LYS E 151 -22.53 -19.26 9.37
C LYS E 151 -22.82 -17.77 9.29
N PHE E 152 -23.34 -17.28 8.17
CA PHE E 152 -23.79 -15.90 8.05
C PHE E 152 -25.29 -15.75 8.30
N GLY E 153 -25.99 -16.85 8.58
CA GLY E 153 -27.39 -16.79 8.94
C GLY E 153 -28.35 -16.74 7.77
N LYS E 154 -27.95 -17.25 6.61
CA LYS E 154 -28.77 -17.20 5.41
C LYS E 154 -29.10 -18.60 4.95
N THR E 155 -30.40 -18.87 4.79
CA THR E 155 -30.82 -20.13 4.21
C THR E 155 -30.62 -20.11 2.69
N ALA E 156 -30.75 -21.28 2.07
CA ALA E 156 -30.65 -21.35 0.62
C ALA E 156 -31.75 -20.54 -0.07
N PHE E 157 -32.88 -20.34 0.61
CA PHE E 157 -33.90 -19.42 0.10
C PHE E 157 -33.34 -18.00 0.00
N ASP E 158 -32.65 -17.56 1.05
CA ASP E 158 -32.11 -16.19 1.05
C ASP E 158 -31.09 -16.00 -0.06
N ILE E 159 -30.29 -17.03 -0.36
CA ILE E 159 -29.23 -16.88 -1.36
C ILE E 159 -29.83 -16.69 -2.74
N SER E 160 -30.89 -17.44 -3.07
CA SER E 160 -31.51 -17.29 -4.37
C SER E 160 -32.20 -15.94 -4.50
N ILE E 161 -32.82 -15.45 -3.43
CA ILE E 161 -33.45 -14.14 -3.46
C ILE E 161 -32.41 -13.06 -3.71
N ASP E 162 -31.27 -13.15 -3.04
CA ASP E 162 -30.24 -12.13 -3.18
C ASP E 162 -29.49 -12.22 -4.50
N ASN E 163 -29.51 -13.38 -5.16
CA ASN E 163 -28.94 -13.52 -6.48
C ASN E 163 -29.97 -13.32 -7.59
N GLY E 164 -31.22 -13.04 -7.24
CA GLY E 164 -32.22 -12.66 -8.21
C GLY E 164 -33.03 -13.78 -8.80
N ASN E 165 -32.95 -14.99 -8.25
CA ASN E 165 -33.72 -16.12 -8.78
C ASN E 165 -34.97 -16.33 -7.93
N GLU E 166 -35.91 -15.41 -8.09
CA GLU E 166 -37.20 -15.53 -7.41
C GLU E 166 -37.96 -16.76 -7.88
N ASP E 167 -37.83 -17.11 -9.16
CA ASP E 167 -38.45 -18.33 -9.67
C ASP E 167 -37.93 -19.56 -8.95
N LEU E 168 -36.69 -19.50 -8.46
CA LEU E 168 -36.14 -20.61 -7.69
C LEU E 168 -36.53 -20.52 -6.22
N ALA E 169 -36.68 -19.32 -5.68
CA ALA E 169 -37.02 -19.15 -4.27
C ALA E 169 -38.44 -19.63 -3.95
N GLU E 170 -39.31 -19.72 -4.95
CA GLU E 170 -40.64 -20.25 -4.72
C GLU E 170 -40.58 -21.67 -4.17
N ILE E 171 -39.80 -22.54 -4.81
CA ILE E 171 -39.71 -23.93 -4.39
C ILE E 171 -38.72 -24.15 -3.26
N LEU E 172 -38.03 -23.10 -2.81
CA LEU E 172 -37.12 -23.20 -1.67
C LEU E 172 -37.83 -22.99 -0.34
N GLN E 173 -39.13 -23.30 -0.28
CA GLN E 173 -39.89 -23.60 0.94
C GLN E 173 -39.45 -22.83 2.19
N GLY F 22 11.27 21.76 29.42
CA GLY F 22 10.37 22.87 29.27
C GLY F 22 10.09 23.24 27.82
N LYS F 23 10.84 22.62 26.91
CA LYS F 23 10.70 22.88 25.48
C LYS F 23 9.92 21.79 24.76
N LYS F 24 9.18 20.96 25.50
CA LYS F 24 8.21 20.07 24.86
C LYS F 24 7.10 20.87 24.17
N LEU F 25 6.93 22.13 24.57
CA LEU F 25 5.96 22.99 23.90
C LEU F 25 6.35 23.25 22.45
N LEU F 26 7.65 23.32 22.15
CA LEU F 26 8.09 23.52 20.78
C LEU F 26 7.64 22.38 19.88
N GLU F 27 7.98 21.15 20.26
CA GLU F 27 7.57 19.99 19.46
C GLU F 27 6.05 19.86 19.42
N ALA F 28 5.38 20.21 20.51
CA ALA F 28 3.92 20.16 20.53
C ALA F 28 3.31 21.21 19.61
N ALA F 29 3.96 22.38 19.49
CA ALA F 29 3.50 23.39 18.54
C ALA F 29 3.78 22.95 17.11
N ARG F 30 4.94 22.34 16.88
CA ARG F 30 5.28 21.85 15.55
C ARG F 30 4.40 20.68 15.15
N ALA F 31 4.19 19.73 16.06
CA ALA F 31 3.35 18.58 15.75
C ALA F 31 1.88 18.98 15.59
N GLY F 32 1.43 19.98 16.34
CA GLY F 32 0.06 20.42 16.24
C GLY F 32 -0.95 19.62 17.01
N GLN F 33 -0.52 18.93 18.07
CA GLN F 33 -1.45 18.24 18.96
C GLN F 33 -1.96 19.27 19.96
N ASP F 34 -3.20 19.73 19.76
CA ASP F 34 -3.68 20.93 20.45
C ASP F 34 -3.77 20.73 21.95
N ASP F 35 -4.53 19.72 22.39
CA ASP F 35 -4.71 19.50 23.82
C ASP F 35 -3.38 19.23 24.52
N GLU F 36 -2.43 18.60 23.81
CA GLU F 36 -1.09 18.42 24.36
C GLU F 36 -0.43 19.76 24.64
N VAL F 37 -0.65 20.73 23.77
CA VAL F 37 -0.10 22.09 23.98
C VAL F 37 -0.76 22.70 25.22
N ARG F 38 -2.09 22.73 25.24
CA ARG F 38 -2.82 23.36 26.37
C ARG F 38 -2.24 22.81 27.67
N ILE F 39 -2.31 21.51 27.88
CA ILE F 39 -1.79 21.01 29.19
C ILE F 39 -0.34 21.44 29.52
N LEU F 40 0.56 21.52 28.53
CA LEU F 40 1.92 21.96 28.82
C LEU F 40 1.95 23.43 29.22
N THR F 41 1.18 24.28 28.53
CA THR F 41 1.14 25.70 28.86
C THR F 41 0.67 25.95 30.28
N ALA F 42 -0.37 25.21 30.70
CA ALA F 42 -0.92 25.41 32.05
C ALA F 42 0.12 25.14 33.13
N ASN F 43 0.96 24.12 32.94
CA ASN F 43 2.00 23.81 33.91
C ASN F 43 3.08 24.88 33.98
N GLY F 44 3.00 25.93 33.15
CA GLY F 44 3.93 27.02 33.21
C GLY F 44 5.07 26.97 32.22
N ALA F 45 5.01 26.07 31.23
CA ALA F 45 6.08 25.96 30.25
C ALA F 45 6.23 27.29 29.51
N ASP F 46 7.48 27.65 29.22
CA ASP F 46 7.78 28.93 28.58
C ASP F 46 7.10 28.99 27.21
N VAL F 47 6.24 29.99 27.03
CA VAL F 47 5.67 30.26 25.71
C VAL F 47 6.65 31.02 24.83
N ASN F 48 7.79 31.44 25.37
CA ASN F 48 8.83 32.12 24.63
C ASN F 48 10.09 31.27 24.52
N ALA F 49 9.92 29.94 24.51
CA ALA F 49 11.02 29.04 24.26
C ALA F 49 11.44 29.13 22.80
N ASN F 50 12.68 28.71 22.53
CA ASN F 50 13.36 29.10 21.30
C ASN F 50 14.03 27.88 20.70
N ASP F 51 13.92 27.71 19.38
CA ASP F 51 14.54 26.56 18.74
C ASP F 51 15.95 26.94 18.28
N TYR F 52 16.55 26.08 17.44
CA TYR F 52 17.89 26.34 16.91
C TYR F 52 17.94 27.66 16.15
N TRP F 53 16.84 28.03 15.51
CA TRP F 53 16.73 29.28 14.75
C TRP F 53 16.22 30.44 15.59
N GLY F 54 15.91 30.22 16.86
CA GLY F 54 15.45 31.28 17.73
C GLY F 54 13.98 31.64 17.60
N HIS F 55 13.15 30.68 17.20
CA HIS F 55 11.73 30.92 16.96
C HIS F 55 10.91 30.28 18.08
N THR F 56 9.83 30.95 18.48
CA THR F 56 9.03 30.50 19.62
C THR F 56 8.11 29.36 19.17
N PRO F 57 7.32 28.81 20.09
CA PRO F 57 6.19 27.96 19.63
C PRO F 57 5.23 28.71 18.72
N LEU F 58 5.08 30.04 18.91
CA LEU F 58 4.17 30.80 18.07
C LEU F 58 4.64 30.83 16.61
N HIS F 59 5.94 31.03 16.39
CA HIS F 59 6.48 30.97 15.03
C HIS F 59 6.11 29.67 14.34
N LEU F 60 6.38 28.55 15.00
CA LEU F 60 6.13 27.24 14.38
C LEU F 60 4.64 27.03 14.11
N ALA F 61 3.79 27.51 15.02
CA ALA F 61 2.35 27.33 14.84
C ALA F 61 1.82 28.19 13.70
N ALA F 62 2.32 29.42 13.57
CA ALA F 62 1.91 30.26 12.45
C ALA F 62 2.42 29.71 11.13
N MET F 63 3.69 29.29 11.10
CA MET F 63 4.28 28.78 9.87
C MET F 63 3.60 27.50 9.41
N LEU F 64 3.26 26.62 10.35
CA LEU F 64 2.66 25.33 10.01
C LEU F 64 1.14 25.38 9.91
N GLY F 65 0.55 26.57 10.00
CA GLY F 65 -0.88 26.72 9.76
C GLY F 65 -1.77 26.14 10.82
N HIS F 66 -1.28 26.12 12.06
CA HIS F 66 -2.09 25.60 13.20
C HIS F 66 -2.74 26.79 13.91
N LEU F 67 -3.85 27.29 13.36
CA LEU F 67 -4.52 28.48 13.93
C LEU F 67 -4.93 28.15 15.36
N GLU F 68 -5.49 26.96 15.55
CA GLU F 68 -6.00 26.63 16.86
C GLU F 68 -4.98 26.86 17.96
N ILE F 69 -3.72 26.52 17.70
CA ILE F 69 -2.72 26.72 18.77
C ILE F 69 -2.29 28.17 18.90
N VAL F 70 -2.29 28.97 17.81
CA VAL F 70 -1.79 30.34 17.97
C VAL F 70 -2.63 31.08 18.99
N GLU F 71 -3.94 30.79 19.04
CA GLU F 71 -4.83 31.48 19.96
C GLU F 71 -4.57 31.06 21.40
N VAL F 72 -4.33 29.77 21.62
CA VAL F 72 -4.03 29.27 22.98
C VAL F 72 -2.78 29.99 23.46
N LEU F 73 -1.80 30.14 22.57
CA LEU F 73 -0.52 30.79 22.94
C LEU F 73 -0.80 32.25 23.24
N LEU F 74 -1.68 32.84 22.43
CA LEU F 74 -2.00 34.27 22.62
C LEU F 74 -2.62 34.40 23.99
N LYS F 75 -3.58 33.52 24.31
CA LYS F 75 -4.17 33.56 25.65
C LYS F 75 -3.10 33.50 26.73
N ASN F 76 -2.04 32.72 26.50
CA ASN F 76 -0.92 32.66 27.42
C ASN F 76 0.04 33.83 27.28
N GLY F 77 -0.27 34.80 26.42
CA GLY F 77 0.51 36.02 26.35
C GLY F 77 1.80 35.92 25.56
N ALA F 78 1.85 35.07 24.55
CA ALA F 78 3.07 34.93 23.76
C ALA F 78 3.37 36.21 23.00
N ASP F 79 4.64 36.62 23.02
CA ASP F 79 5.09 37.78 22.26
C ASP F 79 4.76 37.56 20.79
N VAL F 80 3.89 38.42 20.24
CA VAL F 80 3.51 38.33 18.83
C VAL F 80 4.56 38.91 17.91
N ASN F 81 5.53 39.65 18.44
CA ASN F 81 6.58 40.26 17.64
C ASN F 81 7.96 39.74 18.05
N ALA F 82 8.01 38.50 18.55
CA ALA F 82 9.28 37.89 18.90
C ALA F 82 10.14 37.73 17.64
N THR F 83 11.42 37.99 17.78
CA THR F 83 12.35 38.00 16.66
C THR F 83 13.21 36.75 16.68
N GLY F 84 13.26 36.05 15.55
CA GLY F 84 14.14 34.91 15.43
C GLY F 84 15.59 35.32 15.24
N ASN F 85 16.46 34.31 15.25
CA ASN F 85 17.88 34.57 15.03
C ASN F 85 18.14 35.19 13.66
N THR F 86 17.23 34.97 12.71
CA THR F 86 17.26 35.64 11.41
C THR F 86 16.44 36.92 11.41
N GLY F 87 15.94 37.35 12.56
CA GLY F 87 15.14 38.56 12.64
C GLY F 87 13.78 38.47 11.98
N ARG F 88 13.13 37.31 12.08
CA ARG F 88 11.82 37.10 11.48
C ARG F 88 10.78 36.96 12.59
N THR F 89 9.71 37.75 12.48
CA THR F 89 8.61 37.70 13.40
C THR F 89 7.71 36.54 13.07
N PRO F 90 6.83 36.12 13.98
CA PRO F 90 5.83 35.09 13.60
C PRO F 90 4.99 35.47 12.40
N LEU F 91 4.74 36.78 12.21
CA LEU F 91 4.01 37.24 11.04
C LEU F 91 4.76 36.94 9.75
N HIS F 92 6.09 37.08 9.75
CA HIS F 92 6.87 36.83 8.55
C HIS F 92 6.65 35.40 8.06
N LEU F 93 6.75 34.42 8.97
CA LEU F 93 6.60 33.03 8.57
C LEU F 93 5.17 32.70 8.16
N ALA F 94 4.18 33.34 8.79
CA ALA F 94 2.79 33.11 8.41
C ALA F 94 2.51 33.59 7.00
N ALA F 95 3.14 34.69 6.59
CA ALA F 95 2.99 35.16 5.21
C ALA F 95 3.77 34.26 4.26
N TRP F 96 4.96 33.81 4.66
CA TRP F 96 5.75 32.88 3.86
C TRP F 96 4.95 31.63 3.53
N ALA F 97 4.14 31.16 4.47
CA ALA F 97 3.38 29.93 4.31
C ALA F 97 2.00 30.14 3.70
N ASP F 98 1.68 31.38 3.30
CA ASP F 98 0.42 31.69 2.59
C ASP F 98 -0.80 31.27 3.40
N HIS F 99 -0.76 31.56 4.70
CA HIS F 99 -1.82 31.23 5.64
C HIS F 99 -2.59 32.51 5.95
N LEU F 100 -3.74 32.69 5.28
CA LEU F 100 -4.38 34.01 5.25
C LEU F 100 -4.98 34.38 6.61
N GLU F 101 -5.85 33.52 7.15
CA GLU F 101 -6.58 33.89 8.36
C GLU F 101 -5.65 34.06 9.55
N ILE F 102 -4.56 33.31 9.59
CA ILE F 102 -3.65 33.41 10.77
C ILE F 102 -3.02 34.80 10.72
N VAL F 103 -2.67 35.26 9.52
CA VAL F 103 -2.00 36.54 9.41
C VAL F 103 -2.86 37.66 9.99
N GLU F 104 -4.16 37.67 9.67
CA GLU F 104 -5.02 38.73 10.17
C GLU F 104 -5.27 38.59 11.67
N VAL F 105 -5.40 37.36 12.16
CA VAL F 105 -5.37 37.12 13.61
C VAL F 105 -4.10 37.73 14.23
N LEU F 106 -2.93 37.37 13.70
CA LEU F 106 -1.70 37.89 14.29
C LEU F 106 -1.63 39.41 14.21
N LEU F 107 -2.14 39.98 13.11
CA LEU F 107 -2.15 41.43 12.96
C LEU F 107 -3.10 42.07 13.97
N LYS F 108 -4.29 41.48 14.15
CA LYS F 108 -5.24 41.97 15.14
C LYS F 108 -4.60 42.08 16.52
N HIS F 109 -3.74 41.13 16.86
CA HIS F 109 -3.01 41.17 18.12
C HIS F 109 -1.75 42.02 18.00
N GLY F 110 -1.87 43.18 17.37
CA GLY F 110 -0.81 44.17 17.33
C GLY F 110 0.50 43.73 16.71
N ALA F 111 0.45 43.24 15.47
CA ALA F 111 1.67 42.85 14.78
C ALA F 111 2.34 44.07 14.16
N ASP F 112 3.67 44.02 14.10
CA ASP F 112 4.47 45.11 13.51
C ASP F 112 4.67 44.81 12.04
N VAL F 113 3.96 45.53 11.18
CA VAL F 113 4.03 45.27 9.74
C VAL F 113 5.38 45.71 9.19
N ASN F 114 5.91 46.83 9.68
CA ASN F 114 7.12 47.41 9.12
C ASN F 114 8.40 46.77 9.65
N ALA F 115 8.31 45.75 10.50
CA ALA F 115 9.51 45.04 10.92
C ALA F 115 10.18 44.38 9.72
N GLN F 116 11.51 44.36 9.74
CA GLN F 116 12.26 43.80 8.61
C GLN F 116 13.30 42.81 9.17
N ASP F 117 13.73 41.87 8.33
CA ASP F 117 14.69 40.85 8.79
C ASP F 117 16.11 41.31 8.49
N LYS F 118 17.08 40.42 8.61
CA LYS F 118 18.48 40.77 8.25
C LYS F 118 18.47 41.11 6.78
N PHE F 119 17.71 40.36 6.01
CA PHE F 119 17.63 40.59 4.56
C PHE F 119 17.06 41.99 4.33
N GLY F 120 16.15 42.41 5.19
CA GLY F 120 15.53 43.75 5.07
C GLY F 120 14.19 43.57 4.45
N LYS F 121 13.44 42.62 4.96
CA LYS F 121 12.19 42.27 4.30
C LYS F 121 11.05 42.17 5.29
N THR F 122 9.90 42.67 4.89
CA THR F 122 8.65 42.56 5.62
C THR F 122 7.87 41.34 5.14
N ALA F 123 6.76 41.07 5.81
CA ALA F 123 5.82 40.07 5.29
C ALA F 123 5.28 40.49 3.93
N PHE F 124 5.12 41.79 3.71
CA PHE F 124 4.71 42.29 2.40
C PHE F 124 5.71 41.90 1.33
N ASP F 125 6.99 42.20 1.57
CA ASP F 125 8.04 41.80 0.64
C ASP F 125 7.99 40.30 0.39
N ILE F 126 7.62 39.52 1.41
CA ILE F 126 7.58 38.07 1.26
C ILE F 126 6.40 37.64 0.41
N SER F 127 5.24 38.30 0.55
CA SER F 127 4.15 38.01 -0.39
C SER F 127 4.45 38.53 -1.79
N ILE F 128 5.27 39.58 -1.90
CA ILE F 128 5.65 40.04 -3.25
C ILE F 128 6.56 39.00 -3.90
N ASP F 129 7.53 38.49 -3.15
CA ASP F 129 8.40 37.44 -3.69
C ASP F 129 7.61 36.19 -4.03
N ASN F 130 6.63 35.82 -3.20
CA ASN F 130 5.80 34.65 -3.45
C ASN F 130 4.64 34.93 -4.40
N GLY F 131 4.43 36.18 -4.78
CA GLY F 131 3.33 36.50 -5.68
C GLY F 131 1.96 36.34 -5.08
N ASN F 132 1.82 36.52 -3.77
CA ASN F 132 0.54 36.37 -3.08
C ASN F 132 -0.04 37.76 -2.84
N GLU F 133 -0.66 38.31 -3.88
CA GLU F 133 -1.25 39.65 -3.76
C GLU F 133 -2.54 39.64 -2.96
N ASP F 134 -3.26 38.50 -2.93
CA ASP F 134 -4.46 38.40 -2.12
C ASP F 134 -4.13 38.62 -0.64
N LEU F 135 -2.98 38.13 -0.20
CA LEU F 135 -2.50 38.40 1.15
C LEU F 135 -1.74 39.72 1.22
N ALA F 136 -1.10 40.13 0.12
CA ALA F 136 -0.49 41.46 0.08
C ALA F 136 -1.55 42.55 0.23
N GLU F 137 -2.79 42.27 -0.18
CA GLU F 137 -3.87 43.21 0.10
C GLU F 137 -4.08 43.38 1.60
N ILE F 138 -4.10 42.26 2.35
CA ILE F 138 -4.24 42.35 3.81
C ILE F 138 -3.15 43.22 4.40
N LEU F 139 -1.93 43.08 3.90
CA LEU F 139 -0.83 43.89 4.39
C LEU F 139 -0.90 45.31 3.85
N GLN F 140 -1.32 45.48 2.59
CA GLN F 140 -1.62 46.82 2.08
C GLN F 140 -2.80 47.43 2.84
N LYS F 141 -3.90 46.68 2.97
CA LYS F 141 -5.06 47.15 3.73
C LYS F 141 -4.65 47.50 5.16
#